data_6L85
#
_entry.id   6L85
#
_cell.length_a   121.178
_cell.length_b   112.650
_cell.length_c   110.792
_cell.angle_alpha   90.000
_cell.angle_beta   119.360
_cell.angle_gamma   90.000
#
_symmetry.space_group_name_H-M   'C 1 2 1'
#
loop_
_entity.id
_entity.type
_entity.pdbx_description
1 polymer 'Phosphate transporter'
2 non-polymer 'PHOSPHATE ION'
3 non-polymer 'SODIUM ION'
4 non-polymer DI(HYDROXYETHYL)ETHER
5 non-polymer DODECYL-BETA-D-MALTOSIDE
6 water water
#
_entity_poly.entity_id   1
_entity_poly.type   'polypeptide(L)'
_entity_poly.pdbx_seq_one_letter_code
;MTILIIAGILGFIMAFSIGANDVANSMATAVGARAITVRQAALIAMFLEFLGAVMFGSHVSQTIVKGIVEVEKVQPVELM
YGALSALIAASFWILIATNWGYPVSTTHSIVGGMMGFGLVAVGINGVNWKTFLFIVLSWVVSPVLGGLISFVMFKLISLS
VFHTKNPKKSSTVAIPFFISLAIFTMISLFVKKTLKQPLSESFLLGIAFSLVTFFVVHFAVRKLINEKKDVYDAVENVFK
RAQILTSCYVSFSHGANDVANAAGPVAAVMIVASTGVVPKTVEIPFLALLLGGIGISLGVFFLGQKVMETVGEKITTLTN
SRGFTVDFSTATTVLLASSLGLPISTTHVVVGAVTGVGFARGLEMVNVGVLKNIVISWLLIVPTVAATSAAVYWVLKLIL
KF
;
_entity_poly.pdbx_strand_id   A,B
#
loop_
_chem_comp.id
_chem_comp.type
_chem_comp.name
_chem_comp.formula
LMT D-saccharide DODECYL-BETA-D-MALTOSIDE 'C24 H46 O11'
NA non-polymer 'SODIUM ION' 'Na 1'
PEG non-polymer DI(HYDROXYETHYL)ETHER 'C4 H10 O3'
PO4 non-polymer 'PHOSPHATE ION' 'O4 P -3'
#
# COMPACT_ATOMS: atom_id res chain seq x y z
N MET A 1 -14.82 10.55 -29.37
CA MET A 1 -15.72 11.70 -29.52
C MET A 1 -15.01 12.98 -29.13
N THR A 2 -15.37 14.06 -29.82
CA THR A 2 -14.85 15.37 -29.48
C THR A 2 -15.20 15.74 -28.03
N ILE A 3 -16.41 15.42 -27.58
CA ILE A 3 -16.81 15.77 -26.22
C ILE A 3 -15.94 15.04 -25.21
N LEU A 4 -15.57 13.79 -25.50
CA LEU A 4 -14.76 13.03 -24.55
C LEU A 4 -13.33 13.53 -24.52
N ILE A 5 -12.80 13.98 -25.67
CA ILE A 5 -11.47 14.55 -25.69
C ILE A 5 -11.46 15.88 -24.96
N ILE A 6 -12.49 16.71 -25.18
CA ILE A 6 -12.57 17.99 -24.49
C ILE A 6 -12.70 17.77 -22.98
N ALA A 7 -13.52 16.80 -22.58
CA ALA A 7 -13.73 16.51 -21.17
C ALA A 7 -12.48 15.94 -20.54
N GLY A 8 -11.74 15.10 -21.27
CA GLY A 8 -10.46 14.63 -20.78
C GLY A 8 -9.47 15.76 -20.56
N ILE A 9 -9.40 16.70 -21.50
CA ILE A 9 -8.47 17.82 -21.38
C ILE A 9 -8.88 18.73 -20.22
N LEU A 10 -10.15 19.09 -20.17
CA LEU A 10 -10.60 20.00 -19.12
C LEU A 10 -10.52 19.35 -17.75
N GLY A 11 -10.80 18.04 -17.65
CA GLY A 11 -10.62 17.34 -16.39
C GLY A 11 -9.17 17.25 -16.00
N PHE A 12 -8.28 17.02 -16.97
CA PHE A 12 -6.87 17.00 -16.64
C PHE A 12 -6.40 18.37 -16.13
N ILE A 13 -6.86 19.46 -16.75
CA ILE A 13 -6.46 20.80 -16.33
C ILE A 13 -7.00 21.12 -14.93
N MET A 14 -8.23 20.72 -14.66
CA MET A 14 -8.77 20.86 -13.31
C MET A 14 -7.90 20.12 -12.29
N ALA A 15 -7.62 18.85 -12.56
CA ALA A 15 -6.83 18.04 -11.62
C ALA A 15 -5.45 18.66 -11.40
N PHE A 16 -4.80 19.07 -12.50
CA PHE A 16 -3.49 19.71 -12.41
C PHE A 16 -3.53 20.94 -11.53
N SER A 17 -4.58 21.77 -11.69
CA SER A 17 -4.66 22.96 -10.84
C SER A 17 -4.89 22.58 -9.38
N ILE A 18 -5.62 21.48 -9.12
CA ILE A 18 -5.79 21.03 -7.74
C ILE A 18 -4.43 20.70 -7.13
N GLY A 19 -3.66 19.85 -7.82
CA GLY A 19 -2.37 19.46 -7.29
C GLY A 19 -1.46 20.65 -7.03
N ALA A 20 -1.44 21.59 -7.98
CA ALA A 20 -0.63 22.80 -7.84
C ALA A 20 -1.03 23.61 -6.62
N ASN A 21 -2.33 23.95 -6.52
CA ASN A 21 -2.75 24.81 -5.44
C ASN A 21 -2.70 24.14 -4.07
N ASP A 22 -2.76 22.81 -4.00
CA ASP A 22 -3.00 22.15 -2.73
C ASP A 22 -1.81 21.36 -2.18
N VAL A 23 -0.71 21.22 -2.88
CA VAL A 23 0.39 20.48 -2.30
C VAL A 23 0.80 20.99 -0.95
N ALA A 24 0.83 22.30 -0.79
CA ALA A 24 1.25 22.89 0.47
C ALA A 24 0.45 22.36 1.65
N ASN A 25 -0.84 22.05 1.46
CA ASN A 25 -1.68 21.55 2.56
C ASN A 25 -1.11 20.28 3.18
N SER A 26 -0.34 19.52 2.42
CA SER A 26 0.26 18.25 2.82
C SER A 26 1.70 18.42 3.23
N MET A 27 2.47 19.12 2.40
CA MET A 27 3.92 19.05 2.47
C MET A 27 4.56 20.27 3.13
N ALA A 28 3.78 21.30 3.49
CA ALA A 28 4.43 22.49 4.02
C ALA A 28 4.95 22.27 5.44
N THR A 29 4.30 21.40 6.23
CA THR A 29 4.87 21.05 7.54
C THR A 29 6.24 20.40 7.39
N ALA A 30 6.36 19.43 6.48
CA ALA A 30 7.61 18.70 6.33
C ALA A 30 8.69 19.57 5.65
N VAL A 31 8.31 20.37 4.67
CA VAL A 31 9.28 21.21 3.97
C VAL A 31 9.71 22.38 4.85
N GLY A 32 8.76 22.96 5.59
CA GLY A 32 9.06 24.10 6.44
C GLY A 32 10.02 23.75 7.57
N ALA A 33 9.90 22.55 8.11
CA ALA A 33 10.86 22.08 9.11
C ALA A 33 12.09 21.45 8.46
N ARG A 34 12.19 21.53 7.14
CA ARG A 34 13.31 20.98 6.38
C ARG A 34 13.52 19.51 6.69
N ALA A 35 12.43 18.78 6.94
CA ALA A 35 12.53 17.33 7.01
C ALA A 35 12.78 16.74 5.63
N ILE A 36 12.35 17.43 4.58
CA ILE A 36 12.54 16.94 3.22
C ILE A 36 12.66 18.15 2.31
N THR A 37 13.31 17.95 1.17
CA THR A 37 13.38 19.01 0.19
C THR A 37 12.06 19.14 -0.54
N VAL A 38 11.98 20.21 -1.33
CA VAL A 38 10.78 20.48 -2.12
C VAL A 38 10.59 19.38 -3.16
N ARG A 39 11.70 18.88 -3.71
CA ARG A 39 11.63 17.87 -4.75
C ARG A 39 11.19 16.53 -4.18
N GLN A 40 11.73 16.14 -3.02
CA GLN A 40 11.28 14.92 -2.38
C GLN A 40 9.79 15.01 -1.98
N ALA A 41 9.38 16.17 -1.46
CA ALA A 41 7.99 16.37 -1.13
C ALA A 41 7.11 16.19 -2.36
N ALA A 42 7.55 16.70 -3.51
CA ALA A 42 6.76 16.55 -4.72
C ALA A 42 6.66 15.08 -5.16
N LEU A 43 7.77 14.34 -5.14
CA LEU A 43 7.71 12.93 -5.54
C LEU A 43 6.79 12.10 -4.61
N ILE A 44 6.97 12.28 -3.30
CA ILE A 44 6.15 11.56 -2.34
C ILE A 44 4.68 11.88 -2.53
N ALA A 45 4.36 13.18 -2.59
CA ALA A 45 2.97 13.59 -2.77
C ALA A 45 2.41 13.04 -4.07
N MET A 46 3.20 13.03 -5.14
CA MET A 46 2.75 12.45 -6.39
C MET A 46 2.24 11.05 -6.17
N PHE A 47 2.96 10.27 -5.37
CA PHE A 47 2.48 8.91 -5.15
C PHE A 47 1.26 8.87 -4.22
N LEU A 48 1.31 9.59 -3.11
CA LEU A 48 0.26 9.45 -2.09
C LEU A 48 -1.05 10.09 -2.53
N GLU A 49 -1.02 11.19 -3.29
CA GLU A 49 -2.25 11.76 -3.84
C GLU A 49 -2.94 10.75 -4.73
N PHE A 50 -2.18 10.16 -5.66
CA PHE A 50 -2.75 9.18 -6.59
C PHE A 50 -3.34 8.00 -5.83
N LEU A 51 -2.65 7.55 -4.78
CA LEU A 51 -3.11 6.40 -4.00
C LEU A 51 -4.41 6.70 -3.26
N GLY A 52 -4.51 7.89 -2.63
CA GLY A 52 -5.77 8.28 -2.00
C GLY A 52 -6.90 8.40 -2.99
N ALA A 53 -6.62 8.99 -4.16
CA ALA A 53 -7.62 9.12 -5.21
C ALA A 53 -8.17 7.77 -5.64
N VAL A 54 -7.30 6.76 -5.79
CA VAL A 54 -7.74 5.44 -6.27
C VAL A 54 -8.41 4.64 -5.15
N MET A 55 -7.82 4.62 -3.96
CA MET A 55 -8.37 3.78 -2.90
C MET A 55 -9.66 4.36 -2.34
N PHE A 56 -9.85 5.69 -2.37
CA PHE A 56 -10.99 6.25 -1.65
C PHE A 56 -11.75 7.35 -2.38
N GLY A 57 -11.35 7.76 -3.58
CA GLY A 57 -11.91 8.95 -4.20
C GLY A 57 -13.27 8.84 -4.87
N SER A 58 -13.84 7.66 -5.02
CA SER A 58 -15.15 7.57 -5.68
C SER A 58 -16.30 8.05 -4.79
N HIS A 59 -16.16 7.93 -3.47
CA HIS A 59 -17.27 8.27 -2.56
C HIS A 59 -17.67 9.74 -2.67
N VAL A 60 -16.69 10.65 -2.65
CA VAL A 60 -17.05 12.05 -2.85
C VAL A 60 -17.38 12.35 -4.32
N SER A 61 -16.79 11.61 -5.27
CA SER A 61 -17.12 11.84 -6.67
C SER A 61 -18.61 11.62 -6.95
N GLN A 62 -19.23 10.66 -6.25
CA GLN A 62 -20.70 10.50 -6.35
C GLN A 62 -21.43 11.78 -5.96
N THR A 63 -21.08 12.36 -4.81
CA THR A 63 -21.72 13.57 -4.31
C THR A 63 -21.57 14.73 -5.28
N ILE A 64 -20.36 14.92 -5.80
CA ILE A 64 -20.18 15.99 -6.78
C ILE A 64 -21.12 15.78 -7.96
N VAL A 65 -21.21 14.54 -8.46
CA VAL A 65 -22.09 14.32 -9.61
C VAL A 65 -23.54 14.71 -9.26
N LYS A 66 -24.09 14.18 -8.17
CA LYS A 66 -25.53 14.33 -7.89
C LYS A 66 -25.92 15.30 -6.77
N GLY A 67 -25.00 15.70 -5.89
CA GLY A 67 -25.43 16.44 -4.73
C GLY A 67 -25.51 17.93 -4.82
N ILE A 68 -25.21 18.52 -5.96
CA ILE A 68 -25.30 19.96 -6.16
C ILE A 68 -26.42 20.32 -7.11
N VAL A 69 -26.42 19.72 -8.30
CA VAL A 69 -27.41 19.97 -9.33
C VAL A 69 -28.50 18.93 -9.18
N GLU A 70 -29.76 19.37 -9.32
CA GLU A 70 -30.87 18.44 -9.41
C GLU A 70 -30.83 17.82 -10.80
N VAL A 71 -30.10 16.71 -10.93
CA VAL A 71 -29.80 16.20 -12.27
C VAL A 71 -31.05 15.71 -12.98
N GLU A 72 -32.07 15.26 -12.24
CA GLU A 72 -33.30 14.78 -12.88
C GLU A 72 -34.06 15.91 -13.57
N LYS A 73 -33.85 17.15 -13.18
CA LYS A 73 -34.53 18.28 -13.79
C LYS A 73 -33.78 18.82 -14.99
N VAL A 74 -32.78 18.10 -15.48
CA VAL A 74 -31.89 18.61 -16.52
C VAL A 74 -31.82 17.57 -17.63
N GLN A 75 -31.70 18.04 -18.87
CA GLN A 75 -31.51 17.08 -19.96
C GLN A 75 -30.07 16.58 -19.95
N PRO A 76 -29.85 15.32 -20.35
CA PRO A 76 -28.48 14.76 -20.32
C PRO A 76 -27.43 15.62 -21.01
N VAL A 77 -27.71 16.13 -22.22
CA VAL A 77 -26.76 16.97 -22.94
C VAL A 77 -26.48 18.24 -22.14
N GLU A 78 -27.51 18.77 -21.48
CA GLU A 78 -27.32 19.95 -20.65
C GLU A 78 -26.36 19.66 -19.51
N LEU A 79 -26.52 18.50 -18.85
CA LEU A 79 -25.63 18.14 -17.75
C LEU A 79 -24.20 18.04 -18.23
N MET A 80 -24.02 17.44 -19.41
CA MET A 80 -22.71 17.34 -20.03
C MET A 80 -22.04 18.72 -20.15
N TYR A 81 -22.76 19.66 -20.76
CA TYR A 81 -22.13 20.98 -20.97
C TYR A 81 -22.01 21.76 -19.67
N GLY A 82 -22.91 21.52 -18.70
CA GLY A 82 -22.77 22.15 -17.40
C GLY A 82 -21.56 21.66 -16.62
N ALA A 83 -21.29 20.35 -16.69
CA ALA A 83 -20.08 19.81 -16.08
C ALA A 83 -18.84 20.44 -16.72
N LEU A 84 -18.80 20.49 -18.05
CA LEU A 84 -17.64 21.09 -18.72
C LEU A 84 -17.48 22.57 -18.35
N SER A 85 -18.59 23.31 -18.31
CA SER A 85 -18.53 24.73 -17.93
C SER A 85 -17.99 24.89 -16.53
N ALA A 86 -18.47 24.06 -15.58
CA ALA A 86 -17.98 24.14 -14.21
C ALA A 86 -16.49 23.85 -14.16
N LEU A 87 -16.02 22.88 -14.95
CA LEU A 87 -14.59 22.60 -15.00
C LEU A 87 -13.81 23.80 -15.53
N ILE A 88 -14.30 24.39 -16.63
CA ILE A 88 -13.67 25.57 -17.23
C ILE A 88 -13.54 26.69 -16.19
N ALA A 89 -14.64 27.00 -15.50
CA ALA A 89 -14.67 28.14 -14.59
C ALA A 89 -13.81 27.90 -13.35
N ALA A 90 -13.98 26.73 -12.72
CA ALA A 90 -13.18 26.39 -11.55
C ALA A 90 -11.70 26.41 -11.89
N SER A 91 -11.32 25.77 -13.01
CA SER A 91 -9.92 25.69 -13.40
C SER A 91 -9.34 27.08 -13.63
N PHE A 92 -10.06 27.91 -14.39
CA PHE A 92 -9.61 29.28 -14.63
C PHE A 92 -9.27 29.98 -13.32
N TRP A 93 -10.23 30.00 -12.39
CA TRP A 93 -10.03 30.78 -11.17
C TRP A 93 -8.96 30.17 -10.27
N ILE A 94 -8.87 28.84 -10.22
CA ILE A 94 -7.82 28.20 -9.42
C ILE A 94 -6.44 28.54 -9.98
N LEU A 95 -6.27 28.44 -11.29
CA LEU A 95 -4.96 28.73 -11.88
C LEU A 95 -4.60 30.21 -11.71
N ILE A 96 -5.60 31.10 -11.82
CA ILE A 96 -5.36 32.51 -11.55
C ILE A 96 -4.85 32.70 -10.13
N ALA A 97 -5.55 32.09 -9.15
CA ALA A 97 -5.15 32.26 -7.76
C ALA A 97 -3.77 31.68 -7.49
N THR A 98 -3.46 30.53 -8.10
CA THR A 98 -2.16 29.92 -7.91
C THR A 98 -1.06 30.81 -8.49
N ASN A 99 -1.33 31.44 -9.64
CA ASN A 99 -0.40 32.41 -10.22
C ASN A 99 -0.02 33.49 -9.21
N TRP A 100 -0.99 34.04 -8.50
CA TRP A 100 -0.76 35.05 -7.48
C TRP A 100 -0.40 34.47 -6.12
N GLY A 101 -0.03 33.19 -6.06
CA GLY A 101 0.24 32.56 -4.77
C GLY A 101 -0.93 32.58 -3.82
N TYR A 102 -2.16 32.57 -4.34
CA TYR A 102 -3.26 32.65 -3.38
C TYR A 102 -3.88 31.28 -3.15
N PRO A 103 -4.17 30.99 -1.89
CA PRO A 103 -4.82 29.73 -1.55
C PRO A 103 -6.33 29.86 -1.76
N VAL A 104 -6.90 28.87 -2.42
CA VAL A 104 -8.34 28.80 -2.66
C VAL A 104 -8.78 27.39 -2.33
N SER A 105 -10.07 27.23 -2.06
CA SER A 105 -10.65 25.90 -1.98
C SER A 105 -11.07 25.47 -3.39
N THR A 106 -10.40 24.46 -3.94
CA THR A 106 -10.82 23.91 -5.22
C THR A 106 -12.18 23.25 -5.10
N THR A 107 -12.50 22.76 -3.90
CA THR A 107 -13.83 22.19 -3.67
C THR A 107 -14.92 23.25 -3.78
N HIS A 108 -14.74 24.37 -3.06
CA HIS A 108 -15.69 25.48 -3.17
C HIS A 108 -15.83 25.92 -4.61
N SER A 109 -14.71 25.94 -5.36
CA SER A 109 -14.74 26.38 -6.74
C SER A 109 -15.59 25.46 -7.60
N ILE A 110 -15.36 24.15 -7.52
CA ILE A 110 -16.12 23.28 -8.42
C ILE A 110 -17.59 23.26 -8.00
N VAL A 111 -17.88 23.36 -6.70
CA VAL A 111 -19.27 23.35 -6.28
C VAL A 111 -20.00 24.60 -6.77
N GLY A 112 -19.33 25.76 -6.68
CA GLY A 112 -19.90 26.97 -7.25
C GLY A 112 -20.08 26.89 -8.76
N GLY A 113 -19.13 26.27 -9.46
CA GLY A 113 -19.34 26.04 -10.88
C GLY A 113 -20.59 25.22 -11.17
N MET A 114 -20.80 24.15 -10.39
CA MET A 114 -22.00 23.33 -10.59
C MET A 114 -23.26 24.12 -10.28
N MET A 115 -23.22 24.91 -9.21
CA MET A 115 -24.36 25.73 -8.85
C MET A 115 -24.67 26.76 -9.93
N GLY A 116 -23.64 27.38 -10.50
CA GLY A 116 -23.86 28.32 -11.60
C GLY A 116 -24.57 27.66 -12.76
N PHE A 117 -24.05 26.50 -13.19
CA PHE A 117 -24.72 25.77 -14.26
C PHE A 117 -26.19 25.52 -13.92
N GLY A 118 -26.44 24.95 -12.74
CA GLY A 118 -27.81 24.58 -12.38
C GLY A 118 -28.75 25.77 -12.31
N LEU A 119 -28.28 26.91 -11.79
CA LEU A 119 -29.12 28.10 -11.73
C LEU A 119 -29.43 28.63 -13.12
N VAL A 120 -28.45 28.61 -14.03
CA VAL A 120 -28.72 29.15 -15.37
C VAL A 120 -29.61 28.21 -16.17
N ALA A 121 -29.44 26.90 -16.02
CA ALA A 121 -30.17 25.97 -16.87
C ALA A 121 -31.61 25.75 -16.41
N VAL A 122 -31.85 25.79 -15.10
CA VAL A 122 -33.16 25.49 -14.56
C VAL A 122 -33.68 26.57 -13.62
N GLY A 123 -32.81 27.38 -13.03
CA GLY A 123 -33.24 28.32 -12.02
C GLY A 123 -33.03 27.79 -10.62
N ILE A 124 -33.81 28.34 -9.69
CA ILE A 124 -33.61 28.02 -8.28
C ILE A 124 -33.84 26.53 -8.03
N ASN A 125 -34.74 25.90 -8.77
CA ASN A 125 -35.02 24.49 -8.58
C ASN A 125 -33.96 23.58 -9.22
N GLY A 126 -33.04 24.14 -9.99
CA GLY A 126 -31.92 23.38 -10.50
C GLY A 126 -30.84 23.06 -9.50
N VAL A 127 -31.03 23.41 -8.23
CA VAL A 127 -30.04 23.20 -7.19
C VAL A 127 -30.63 22.27 -6.14
N ASN A 128 -29.86 21.25 -5.74
CA ASN A 128 -30.27 20.37 -4.65
C ASN A 128 -29.99 21.08 -3.33
N TRP A 129 -30.97 21.86 -2.86
CA TRP A 129 -30.73 22.74 -1.72
C TRP A 129 -30.53 21.98 -0.42
N LYS A 130 -31.19 20.85 -0.21
CA LYS A 130 -31.00 20.14 1.05
C LYS A 130 -29.58 19.61 1.18
N THR A 131 -29.11 18.87 0.16
CA THR A 131 -27.74 18.39 0.19
C THR A 131 -26.76 19.55 0.25
N PHE A 132 -27.01 20.58 -0.56
CA PHE A 132 -26.09 21.73 -0.55
C PHE A 132 -25.99 22.35 0.84
N LEU A 133 -27.10 22.39 1.57
CA LEU A 133 -27.07 22.92 2.94
C LEU A 133 -26.21 22.05 3.84
N PHE A 134 -26.31 20.73 3.69
CA PHE A 134 -25.41 19.86 4.47
C PHE A 134 -23.95 20.09 4.09
N ILE A 135 -23.69 20.34 2.81
CA ILE A 135 -22.31 20.56 2.39
C ILE A 135 -21.77 21.86 2.99
N VAL A 136 -22.58 22.92 3.00
CA VAL A 136 -22.13 24.19 3.58
C VAL A 136 -21.91 24.05 5.09
N LEU A 137 -22.83 23.35 5.77
CA LEU A 137 -22.60 23.03 7.17
C LEU A 137 -21.27 22.32 7.36
N SER A 138 -20.93 21.37 6.48
CA SER A 138 -19.64 20.68 6.63
C SER A 138 -18.48 21.62 6.33
N TRP A 139 -18.68 22.57 5.42
CA TRP A 139 -17.65 23.57 5.14
C TRP A 139 -17.35 24.41 6.37
N VAL A 140 -18.34 24.61 7.24
CA VAL A 140 -18.07 25.39 8.44
C VAL A 140 -17.60 24.51 9.59
N VAL A 141 -18.15 23.31 9.72
CA VAL A 141 -17.81 22.46 10.86
C VAL A 141 -16.43 21.81 10.71
N SER A 142 -16.05 21.35 9.52
CA SER A 142 -14.80 20.61 9.39
C SER A 142 -13.56 21.43 9.78
N PRO A 143 -13.42 22.71 9.41
CA PRO A 143 -12.26 23.47 9.94
C PRO A 143 -12.25 23.54 11.46
N VAL A 144 -13.42 23.60 12.09
CA VAL A 144 -13.47 23.67 13.55
C VAL A 144 -13.13 22.32 14.15
N LEU A 145 -13.64 21.23 13.57
CA LEU A 145 -13.24 19.91 14.04
C LEU A 145 -11.74 19.70 13.92
N GLY A 146 -11.14 20.18 12.83
CA GLY A 146 -9.69 20.11 12.69
C GLY A 146 -8.96 20.91 13.76
N GLY A 147 -9.44 22.13 14.06
CA GLY A 147 -8.83 22.90 15.13
C GLY A 147 -8.98 22.24 16.48
N LEU A 148 -10.16 21.64 16.72
CA LEU A 148 -10.44 20.97 17.98
C LEU A 148 -9.52 19.76 18.17
N ILE A 149 -9.40 18.93 17.13
CA ILE A 149 -8.56 17.77 17.24
C ILE A 149 -7.12 18.19 17.46
N SER A 150 -6.66 19.20 16.70
CA SER A 150 -5.26 19.62 16.86
C SER A 150 -5.00 20.22 18.23
N PHE A 151 -5.98 20.93 18.79
CA PHE A 151 -5.87 21.46 20.15
C PHE A 151 -5.70 20.33 21.16
N VAL A 152 -6.64 19.37 21.14
CA VAL A 152 -6.59 18.26 22.08
C VAL A 152 -5.31 17.47 21.92
N MET A 153 -4.88 17.23 20.67
CA MET A 153 -3.72 16.39 20.43
C MET A 153 -2.43 17.09 20.84
N PHE A 154 -2.29 18.38 20.52
CA PHE A 154 -1.12 19.09 21.01
C PHE A 154 -1.04 19.01 22.54
N LYS A 155 -2.17 19.19 23.22
CA LYS A 155 -2.16 19.12 24.69
C LYS A 155 -1.73 17.74 25.16
N LEU A 156 -2.31 16.70 24.56
CA LEU A 156 -2.00 15.33 24.95
C LEU A 156 -0.53 15.02 24.73
N ILE A 157 0.06 15.52 23.65
CA ILE A 157 1.47 15.25 23.40
C ILE A 157 2.35 16.01 24.37
N SER A 158 1.96 17.25 24.70
CA SER A 158 2.71 18.00 25.71
C SER A 158 2.66 17.28 27.06
N LEU A 159 1.50 16.75 27.41
CA LEU A 159 1.33 16.10 28.72
C LEU A 159 2.05 14.77 28.78
N SER A 160 1.85 13.91 27.77
CA SER A 160 2.31 12.54 27.81
C SER A 160 3.71 12.36 27.22
N VAL A 161 4.23 13.34 26.50
CA VAL A 161 5.59 13.17 25.97
C VAL A 161 6.58 14.18 26.55
N PHE A 162 6.34 15.47 26.33
CA PHE A 162 7.38 16.46 26.61
C PHE A 162 7.51 16.75 28.11
N HIS A 163 6.39 16.95 28.79
CA HIS A 163 6.37 17.31 30.21
C HIS A 163 6.21 16.06 31.08
N THR A 164 7.20 15.20 30.96
CA THR A 164 7.12 13.84 31.45
C THR A 164 8.49 13.46 32.00
N LYS A 165 8.51 12.47 32.90
CA LYS A 165 9.75 12.09 33.56
C LYS A 165 10.80 11.60 32.58
N ASN A 166 10.40 10.93 31.49
CA ASN A 166 11.34 10.39 30.51
C ASN A 166 10.80 10.60 29.10
N PRO A 167 10.99 11.82 28.55
CA PRO A 167 10.45 12.10 27.20
C PRO A 167 10.84 11.12 26.11
N LYS A 168 12.09 10.64 26.10
CA LYS A 168 12.51 9.71 25.06
C LYS A 168 11.68 8.44 25.07
N LYS A 169 11.60 7.80 26.24
CA LYS A 169 10.83 6.56 26.38
C LYS A 169 9.38 6.79 26.03
N SER A 170 8.81 7.90 26.49
CA SER A 170 7.41 8.22 26.19
C SER A 170 7.16 8.40 24.70
N SER A 171 8.11 9.00 24.00
CA SER A 171 7.95 9.23 22.58
C SER A 171 7.97 7.92 21.80
N THR A 172 8.76 6.93 22.27
CA THR A 172 8.72 5.62 21.62
C THR A 172 7.37 4.91 21.76
N VAL A 173 6.48 5.38 22.62
CA VAL A 173 5.13 4.84 22.74
C VAL A 173 4.12 5.74 22.02
N ALA A 174 4.29 7.05 22.12
CA ALA A 174 3.30 7.99 21.60
C ALA A 174 3.34 8.10 20.08
N ILE A 175 4.53 8.16 19.47
CA ILE A 175 4.57 8.36 18.03
C ILE A 175 4.08 7.11 17.30
N PRO A 176 4.49 5.89 17.69
CA PRO A 176 3.86 4.69 17.10
C PRO A 176 2.35 4.67 17.27
N PHE A 177 1.86 5.09 18.42
CA PHE A 177 0.42 5.07 18.63
C PHE A 177 -0.31 5.89 17.56
N PHE A 178 0.17 7.11 17.29
CA PHE A 178 -0.55 7.94 16.33
C PHE A 178 -0.38 7.42 14.89
N ILE A 179 0.82 6.92 14.55
CA ILE A 179 0.99 6.31 13.23
C ILE A 179 0.03 5.11 13.06
N SER A 180 -0.11 4.29 14.10
CA SER A 180 -1.00 3.12 14.03
C SER A 180 -2.45 3.52 13.91
N LEU A 181 -2.83 4.60 14.59
CA LEU A 181 -4.21 5.06 14.50
C LEU A 181 -4.53 5.59 13.10
N ALA A 182 -3.57 6.29 12.48
CA ALA A 182 -3.71 6.72 11.09
C ALA A 182 -3.92 5.51 10.17
N ILE A 183 -3.07 4.48 10.32
CA ILE A 183 -3.18 3.27 9.52
C ILE A 183 -4.54 2.59 9.76
N PHE A 184 -4.95 2.50 11.04
CA PHE A 184 -6.25 1.89 11.33
C PHE A 184 -7.37 2.63 10.63
N THR A 185 -7.32 3.97 10.66
CA THR A 185 -8.34 4.78 10.01
C THR A 185 -8.39 4.49 8.51
N MET A 186 -7.23 4.57 7.85
CA MET A 186 -7.18 4.33 6.41
C MET A 186 -7.67 2.93 6.05
N ILE A 187 -7.13 1.89 6.70
CA ILE A 187 -7.44 0.51 6.32
C ILE A 187 -8.90 0.18 6.60
N SER A 188 -9.39 0.48 7.81
CA SER A 188 -10.77 0.11 8.12
C SER A 188 -11.73 0.85 7.20
N LEU A 189 -11.48 2.14 6.93
CA LEU A 189 -12.36 2.86 6.01
C LEU A 189 -12.29 2.27 4.60
N PHE A 190 -11.09 1.98 4.10
CA PHE A 190 -10.95 1.41 2.76
C PHE A 190 -11.69 0.06 2.65
N VAL A 191 -11.52 -0.80 3.65
CA VAL A 191 -12.12 -2.13 3.58
C VAL A 191 -13.63 -2.05 3.74
N LYS A 192 -14.13 -1.14 4.57
CA LYS A 192 -15.57 -1.03 4.74
C LYS A 192 -16.24 -0.30 3.58
N LYS A 193 -15.74 0.86 3.21
CA LYS A 193 -16.45 1.68 2.23
C LYS A 193 -16.08 1.35 0.79
N THR A 194 -14.81 1.08 0.49
CA THR A 194 -14.48 0.81 -0.90
C THR A 194 -14.62 -0.68 -1.24
N LEU A 195 -14.20 -1.58 -0.37
CA LEU A 195 -14.27 -3.00 -0.66
C LEU A 195 -15.58 -3.64 -0.22
N LYS A 196 -16.44 -2.89 0.47
CA LYS A 196 -17.79 -3.29 0.85
C LYS A 196 -17.81 -4.46 1.83
N GLN A 197 -16.72 -4.70 2.55
CA GLN A 197 -16.68 -5.80 3.48
C GLN A 197 -17.47 -5.48 4.74
N PRO A 198 -17.88 -6.49 5.50
CA PRO A 198 -18.66 -6.22 6.72
C PRO A 198 -17.84 -5.44 7.73
N LEU A 199 -18.56 -4.79 8.65
CA LEU A 199 -17.91 -3.92 9.63
C LEU A 199 -16.90 -4.68 10.48
N SER A 200 -17.20 -5.94 10.81
CA SER A 200 -16.29 -6.67 11.70
C SER A 200 -14.99 -7.02 11.00
N GLU A 201 -15.08 -7.48 9.76
CA GLU A 201 -13.89 -7.71 8.94
C GLU A 201 -13.09 -6.42 8.76
N SER A 202 -13.77 -5.31 8.50
CA SER A 202 -13.07 -4.03 8.32
C SER A 202 -12.30 -3.63 9.56
N PHE A 203 -12.95 -3.75 10.72
CA PHE A 203 -12.31 -3.45 11.98
C PHE A 203 -11.12 -4.38 12.24
N LEU A 204 -11.31 -5.67 11.98
CA LEU A 204 -10.27 -6.66 12.24
C LEU A 204 -9.02 -6.39 11.40
N LEU A 205 -9.22 -6.10 10.11
CA LEU A 205 -8.11 -5.74 9.25
C LEU A 205 -7.43 -4.45 9.71
N GLY A 206 -8.23 -3.46 10.13
CA GLY A 206 -7.64 -2.22 10.63
C GLY A 206 -6.79 -2.43 11.86
N ILE A 207 -7.27 -3.26 12.80
CA ILE A 207 -6.51 -3.58 14.00
C ILE A 207 -5.21 -4.30 13.66
N ALA A 208 -5.30 -5.35 12.81
CA ALA A 208 -4.10 -6.08 12.40
C ALA A 208 -3.04 -5.16 11.78
N PHE A 209 -3.44 -4.34 10.81
CA PHE A 209 -2.51 -3.38 10.24
C PHE A 209 -1.95 -2.42 11.32
N SER A 210 -2.79 -2.00 12.26
CA SER A 210 -2.30 -1.05 13.25
C SER A 210 -1.33 -1.71 14.22
N LEU A 211 -1.51 -2.99 14.49
CA LEU A 211 -0.56 -3.73 15.33
C LEU A 211 0.79 -3.89 14.66
N VAL A 212 0.80 -4.30 13.40
CA VAL A 212 2.08 -4.39 12.68
C VAL A 212 2.77 -3.02 12.65
N THR A 213 1.98 -1.98 12.32
CA THR A 213 2.54 -0.64 12.23
C THR A 213 3.14 -0.21 13.57
N PHE A 214 2.40 -0.39 14.66
CA PHE A 214 2.90 -0.02 15.97
C PHE A 214 4.23 -0.71 16.27
N PHE A 215 4.30 -2.03 16.04
CA PHE A 215 5.54 -2.75 16.32
C PHE A 215 6.71 -2.15 15.55
N VAL A 216 6.55 -2.02 14.22
CA VAL A 216 7.67 -1.56 13.40
C VAL A 216 8.07 -0.13 13.77
N VAL A 217 7.08 0.75 13.94
CA VAL A 217 7.39 2.15 14.22
C VAL A 217 8.03 2.27 15.59
N HIS A 218 7.59 1.45 16.55
CA HIS A 218 8.19 1.48 17.88
C HIS A 218 9.66 1.14 17.80
N PHE A 219 10.00 0.07 17.07
CA PHE A 219 11.43 -0.26 17.05
C PHE A 219 12.25 0.74 16.24
N ALA A 220 11.68 1.30 15.16
CA ALA A 220 12.41 2.35 14.45
C ALA A 220 12.64 3.58 15.34
N VAL A 221 11.61 4.00 16.09
CA VAL A 221 11.75 5.15 16.97
C VAL A 221 12.74 4.85 18.08
N ARG A 222 12.77 3.62 18.57
CA ARG A 222 13.74 3.24 19.59
C ARG A 222 15.16 3.39 19.07
N LYS A 223 15.39 3.00 17.83
CA LYS A 223 16.71 3.23 17.23
C LYS A 223 16.99 4.73 17.11
N LEU A 224 16.01 5.49 16.62
CA LEU A 224 16.26 6.91 16.31
C LEU A 224 16.46 7.76 17.57
N ILE A 225 15.80 7.40 18.67
CA ILE A 225 15.80 8.26 19.84
C ILE A 225 17.17 8.30 20.53
N ASN A 226 18.05 7.35 20.21
CA ASN A 226 19.38 7.31 20.80
C ASN A 226 20.45 7.89 19.88
N GLU A 227 20.04 8.58 18.81
CA GLU A 227 20.99 9.27 17.95
C GLU A 227 21.44 10.59 18.56
N LYS A 228 20.67 11.17 19.48
CA LYS A 228 21.06 12.39 20.16
C LYS A 228 21.00 12.17 21.66
N LYS A 229 21.90 12.83 22.39
CA LYS A 229 21.93 12.71 23.85
C LYS A 229 21.05 13.76 24.52
N ASP A 230 20.97 14.97 23.96
CA ASP A 230 20.02 15.95 24.47
C ASP A 230 18.59 15.47 24.27
N VAL A 231 17.80 15.54 25.33
CA VAL A 231 16.48 14.89 25.36
C VAL A 231 15.51 15.57 24.39
N TYR A 232 15.32 16.89 24.54
CA TYR A 232 14.38 17.60 23.68
C TYR A 232 14.77 17.47 22.21
N ASP A 233 16.07 17.56 21.91
CA ASP A 233 16.50 17.48 20.51
C ASP A 233 16.24 16.08 19.95
N ALA A 234 16.38 15.05 20.78
CA ALA A 234 16.15 13.67 20.35
C ALA A 234 14.67 13.46 20.02
N VAL A 235 13.80 13.93 20.92
CA VAL A 235 12.37 13.84 20.70
C VAL A 235 11.98 14.57 19.42
N GLU A 236 12.48 15.79 19.25
CA GLU A 236 12.12 16.55 18.06
C GLU A 236 12.68 15.93 16.79
N ASN A 237 13.83 15.25 16.87
CA ASN A 237 14.41 14.61 15.70
C ASN A 237 13.54 13.42 15.27
N VAL A 238 12.98 12.71 16.26
CA VAL A 238 12.05 11.63 15.98
C VAL A 238 10.74 12.15 15.38
N PHE A 239 10.18 13.23 15.97
CA PHE A 239 9.00 13.86 15.38
C PHE A 239 9.29 14.37 13.97
N LYS A 240 10.54 14.76 13.71
CA LYS A 240 10.92 15.21 12.39
C LYS A 240 10.79 14.09 11.37
N ARG A 241 11.25 12.89 11.73
CA ARG A 241 11.07 11.79 10.78
C ARG A 241 9.60 11.40 10.68
N ALA A 242 8.90 11.32 11.82
CA ALA A 242 7.51 10.87 11.82
C ALA A 242 6.56 11.83 11.10
N GLN A 243 6.90 13.12 11.02
CA GLN A 243 5.99 14.06 10.39
C GLN A 243 6.08 14.02 8.87
N ILE A 244 7.08 13.32 8.33
CA ILE A 244 7.04 12.92 6.92
C ILE A 244 5.91 11.91 6.69
N LEU A 245 5.79 10.91 7.57
CA LEU A 245 4.72 9.92 7.43
C LEU A 245 3.37 10.58 7.55
N THR A 246 3.25 11.52 8.49
CA THR A 246 1.98 12.18 8.70
C THR A 246 1.67 13.18 7.56
N SER A 247 2.69 13.74 6.90
CA SER A 247 2.48 14.44 5.63
C SER A 247 1.92 13.51 4.57
N CYS A 248 2.46 12.29 4.47
CA CYS A 248 1.92 11.33 3.50
C CYS A 248 0.46 11.04 3.79
N TYR A 249 0.13 10.92 5.07
CA TYR A 249 -1.25 10.75 5.50
C TYR A 249 -2.14 11.87 4.98
N VAL A 250 -1.67 13.12 5.09
CA VAL A 250 -2.49 14.23 4.58
C VAL A 250 -2.63 14.16 3.07
N SER A 251 -1.55 13.87 2.37
CA SER A 251 -1.58 13.83 0.91
C SER A 251 -2.53 12.72 0.39
N PHE A 252 -2.52 11.56 1.07
CA PHE A 252 -3.50 10.51 0.78
C PHE A 252 -4.92 11.02 0.99
N SER A 253 -5.19 11.65 2.15
CA SER A 253 -6.56 12.08 2.41
C SER A 253 -6.99 13.16 1.42
N HIS A 254 -6.04 13.97 0.97
CA HIS A 254 -6.33 15.01 0.00
C HIS A 254 -6.74 14.43 -1.34
N GLY A 255 -5.96 13.47 -1.85
CA GLY A 255 -6.39 12.74 -3.05
C GLY A 255 -7.77 12.12 -2.89
N ALA A 256 -8.03 11.49 -1.73
CA ALA A 256 -9.31 10.85 -1.48
C ALA A 256 -10.49 11.84 -1.53
N ASN A 257 -10.35 13.01 -0.91
CA ASN A 257 -11.48 13.95 -0.89
C ASN A 257 -11.56 14.78 -2.18
N ASP A 258 -10.44 15.12 -2.81
CA ASP A 258 -10.46 16.15 -3.84
C ASP A 258 -10.38 15.62 -5.27
N VAL A 259 -10.05 14.34 -5.51
CA VAL A 259 -10.07 13.89 -6.89
C VAL A 259 -11.46 14.09 -7.48
N ALA A 260 -12.49 14.07 -6.63
CA ALA A 260 -13.88 14.36 -7.03
C ALA A 260 -14.03 15.68 -7.75
N ASN A 261 -13.25 16.71 -7.39
CA ASN A 261 -13.42 18.02 -8.02
C ASN A 261 -13.11 17.98 -9.52
N ALA A 262 -12.35 17.00 -9.99
CA ALA A 262 -12.20 16.80 -11.42
C ALA A 262 -12.93 15.55 -11.91
N ALA A 263 -13.00 14.48 -11.11
CA ALA A 263 -13.56 13.21 -11.57
C ALA A 263 -15.08 13.20 -11.56
N GLY A 264 -15.73 13.90 -10.62
CA GLY A 264 -17.18 13.99 -10.61
C GLY A 264 -17.72 14.54 -11.91
N PRO A 265 -17.31 15.76 -12.28
CA PRO A 265 -17.74 16.33 -13.57
C PRO A 265 -17.35 15.48 -14.77
N VAL A 266 -16.10 15.01 -14.81
CA VAL A 266 -15.66 14.16 -15.91
C VAL A 266 -16.53 12.91 -15.98
N ALA A 267 -16.78 12.27 -14.83
CA ALA A 267 -17.64 11.09 -14.80
C ALA A 267 -19.03 11.40 -15.33
N ALA A 268 -19.55 12.59 -15.01
CA ALA A 268 -20.87 12.97 -15.51
C ALA A 268 -20.88 13.02 -17.02
N VAL A 269 -19.85 13.64 -17.61
CA VAL A 269 -19.75 13.71 -19.07
C VAL A 269 -19.58 12.31 -19.67
N MET A 270 -18.70 11.49 -19.09
CA MET A 270 -18.47 10.15 -19.61
C MET A 270 -19.75 9.34 -19.60
N ILE A 271 -20.51 9.41 -18.50
CA ILE A 271 -21.72 8.61 -18.38
C ILE A 271 -22.76 9.06 -19.39
N VAL A 272 -22.91 10.39 -19.56
CA VAL A 272 -23.90 10.86 -20.53
C VAL A 272 -23.49 10.48 -21.96
N ALA A 273 -22.20 10.62 -22.28
CA ALA A 273 -21.74 10.29 -23.64
C ALA A 273 -21.88 8.81 -23.92
N SER A 274 -21.61 7.97 -22.94
CA SER A 274 -21.64 6.53 -23.16
C SER A 274 -23.08 6.00 -23.23
N THR A 275 -24.00 6.54 -22.41
CA THR A 275 -25.34 5.95 -22.31
C THR A 275 -26.45 6.79 -22.93
N GLY A 276 -26.31 8.10 -23.01
CA GLY A 276 -27.41 8.93 -23.43
C GLY A 276 -28.44 9.21 -22.37
N VAL A 277 -28.23 8.72 -21.14
CA VAL A 277 -29.16 8.94 -20.04
C VAL A 277 -28.35 9.42 -18.84
N VAL A 278 -29.05 9.88 -17.82
CA VAL A 278 -28.44 10.03 -16.50
C VAL A 278 -28.99 8.92 -15.62
N PRO A 279 -28.24 7.85 -15.38
CA PRO A 279 -28.76 6.75 -14.56
C PRO A 279 -29.07 7.20 -13.14
N LYS A 280 -30.01 6.47 -12.52
CA LYS A 280 -30.39 6.72 -11.13
C LYS A 280 -29.25 6.42 -10.16
N THR A 281 -28.48 5.36 -10.43
CA THR A 281 -27.35 4.99 -9.58
C THR A 281 -26.06 5.37 -10.30
N VAL A 282 -25.35 6.35 -9.75
CA VAL A 282 -24.12 6.83 -10.37
C VAL A 282 -22.97 5.89 -10.02
N GLU A 283 -22.27 5.41 -11.03
CA GLU A 283 -21.03 4.70 -10.78
C GLU A 283 -19.91 5.50 -11.42
N ILE A 284 -18.85 5.74 -10.67
CA ILE A 284 -17.74 6.57 -11.11
C ILE A 284 -16.80 5.68 -11.91
N PRO A 285 -16.70 5.85 -13.23
CA PRO A 285 -15.77 5.03 -14.01
C PRO A 285 -14.33 5.22 -13.51
N PHE A 286 -13.58 4.12 -13.50
CA PHE A 286 -12.22 4.22 -12.98
C PHE A 286 -11.33 5.08 -13.84
N LEU A 287 -11.61 5.21 -15.13
CA LEU A 287 -10.83 6.14 -15.94
C LEU A 287 -10.92 7.55 -15.37
N ALA A 288 -12.09 7.93 -14.83
CA ALA A 288 -12.23 9.27 -14.25
C ALA A 288 -11.31 9.45 -13.06
N LEU A 289 -11.30 8.48 -12.14
CA LEU A 289 -10.44 8.60 -10.97
C LEU A 289 -8.97 8.60 -11.37
N LEU A 290 -8.60 7.74 -12.33
CA LEU A 290 -7.20 7.67 -12.75
C LEU A 290 -6.76 8.96 -13.43
N LEU A 291 -7.59 9.49 -14.32
CA LEU A 291 -7.27 10.77 -14.95
C LEU A 291 -7.10 11.85 -13.90
N GLY A 292 -8.03 11.90 -12.93
CA GLY A 292 -7.94 12.93 -11.89
C GLY A 292 -6.73 12.74 -11.00
N GLY A 293 -6.44 11.51 -10.59
CA GLY A 293 -5.30 11.29 -9.72
C GLY A 293 -3.98 11.61 -10.41
N ILE A 294 -3.82 11.15 -11.65
CA ILE A 294 -2.58 11.43 -12.39
C ILE A 294 -2.45 12.93 -12.66
N GLY A 295 -3.56 13.59 -13.00
CA GLY A 295 -3.53 15.04 -13.17
C GLY A 295 -3.10 15.78 -11.92
N ILE A 296 -3.64 15.38 -10.76
CA ILE A 296 -3.21 16.00 -9.52
C ILE A 296 -1.72 15.78 -9.29
N SER A 297 -1.24 14.55 -9.52
CA SER A 297 0.19 14.26 -9.33
C SER A 297 1.05 15.15 -10.22
N LEU A 298 0.70 15.26 -11.50
CA LEU A 298 1.49 16.06 -12.42
C LEU A 298 1.44 17.54 -12.05
N GLY A 299 0.29 18.01 -11.56
CA GLY A 299 0.22 19.36 -11.07
C GLY A 299 1.09 19.59 -9.85
N VAL A 300 1.16 18.59 -8.96
CA VAL A 300 2.08 18.66 -7.82
C VAL A 300 3.50 18.85 -8.33
N PHE A 301 3.90 18.06 -9.32
CA PHE A 301 5.30 18.05 -9.74
C PHE A 301 5.69 19.29 -10.57
N PHE A 302 4.86 19.70 -11.53
CA PHE A 302 5.24 20.75 -12.48
C PHE A 302 4.83 22.17 -12.08
N LEU A 303 3.76 22.36 -11.29
CA LEU A 303 3.42 23.70 -10.84
C LEU A 303 3.48 23.86 -9.33
N GLY A 304 2.97 22.90 -8.58
CA GLY A 304 3.39 22.77 -7.21
C GLY A 304 4.89 22.57 -7.18
N GLN A 305 5.47 22.66 -5.98
CA GLN A 305 6.92 22.55 -5.79
C GLN A 305 7.61 23.83 -6.26
N LYS A 306 6.94 24.65 -7.05
CA LYS A 306 7.36 26.04 -7.23
C LYS A 306 6.54 26.96 -6.36
N VAL A 307 5.23 26.68 -6.27
CA VAL A 307 4.39 27.27 -5.22
C VAL A 307 5.05 27.08 -3.87
N MET A 308 5.70 25.94 -3.67
CA MET A 308 6.28 25.64 -2.38
C MET A 308 7.73 26.09 -2.25
N GLU A 309 8.40 26.37 -3.36
CA GLU A 309 9.68 27.07 -3.26
C GLU A 309 9.44 28.52 -2.87
N THR A 310 8.30 29.10 -3.26
CA THR A 310 7.96 30.41 -2.75
C THR A 310 7.82 30.33 -1.22
N VAL A 311 6.77 29.64 -0.75
CA VAL A 311 6.72 29.13 0.61
C VAL A 311 5.51 28.23 0.71
N GLY A 312 5.52 27.30 1.66
CA GLY A 312 4.30 26.57 1.95
C GLY A 312 3.24 27.57 2.33
N GLU A 313 2.31 27.83 1.40
CA GLU A 313 1.38 28.93 1.60
C GLU A 313 0.33 28.65 2.66
N LYS A 314 0.32 27.47 3.27
CA LYS A 314 -0.75 27.17 4.19
C LYS A 314 -0.36 26.62 5.58
N ILE A 315 0.83 26.01 5.78
CA ILE A 315 1.42 25.72 7.11
C ILE A 315 2.95 25.70 7.08
N THR A 316 3.67 26.61 7.74
CA THR A 316 5.13 26.45 7.69
C THR A 316 5.86 26.33 9.03
N THR A 317 5.99 27.40 9.83
CA THR A 317 7.06 27.48 10.83
C THR A 317 6.59 27.01 12.20
N LEU A 318 6.54 25.69 12.36
CA LEU A 318 6.30 25.06 13.64
C LEU A 318 7.44 24.11 13.96
N THR A 319 7.42 23.61 15.18
CA THR A 319 8.31 22.51 15.49
C THR A 319 7.84 21.25 14.77
N ASN A 320 8.68 20.22 14.81
CA ASN A 320 8.30 18.96 14.18
C ASN A 320 7.08 18.34 14.85
N SER A 321 7.00 18.43 16.19
CA SER A 321 5.85 17.87 16.90
C SER A 321 4.57 18.62 16.56
N ARG A 322 4.67 19.93 16.34
CA ARG A 322 3.47 20.68 15.97
C ARG A 322 3.04 20.37 14.54
N GLY A 323 3.99 20.26 13.61
CA GLY A 323 3.64 19.84 12.26
C GLY A 323 3.00 18.47 12.24
N PHE A 324 3.58 17.54 13.00
CA PHE A 324 3.01 16.20 13.18
C PHE A 324 1.55 16.28 13.63
N THR A 325 1.27 17.13 14.63
CA THR A 325 -0.09 17.25 15.15
C THR A 325 -1.04 17.87 14.12
N VAL A 326 -0.57 18.91 13.42
CA VAL A 326 -1.37 19.55 12.37
C VAL A 326 -1.71 18.57 11.28
N ASP A 327 -0.72 17.81 10.80
CA ASP A 327 -0.97 16.83 9.76
C ASP A 327 -1.98 15.81 10.22
N PHE A 328 -1.75 15.20 11.38
CA PHE A 328 -2.64 14.14 11.84
C PHE A 328 -4.08 14.64 11.92
N SER A 329 -4.28 15.82 12.53
CA SER A 329 -5.64 16.33 12.68
C SER A 329 -6.29 16.57 11.34
N THR A 330 -5.53 17.19 10.41
CA THR A 330 -6.05 17.46 9.07
C THR A 330 -6.46 16.19 8.34
N ALA A 331 -5.57 15.17 8.34
CA ALA A 331 -5.85 13.96 7.57
C ALA A 331 -7.02 13.20 8.14
N THR A 332 -7.08 13.05 9.46
CA THR A 332 -8.22 12.40 10.09
C THR A 332 -9.52 13.08 9.71
N THR A 333 -9.56 14.43 9.81
CA THR A 333 -10.80 15.14 9.48
C THR A 333 -11.20 14.92 8.02
N VAL A 334 -10.22 15.01 7.11
CA VAL A 334 -10.52 14.89 5.68
C VAL A 334 -10.95 13.46 5.32
N LEU A 335 -10.30 12.45 5.90
CA LEU A 335 -10.67 11.06 5.62
C LEU A 335 -12.06 10.74 6.15
N LEU A 336 -12.39 11.22 7.35
CA LEU A 336 -13.73 11.00 7.86
C LEU A 336 -14.77 11.67 6.96
N ALA A 337 -14.53 12.92 6.56
CA ALA A 337 -15.43 13.58 5.60
C ALA A 337 -15.59 12.74 4.34
N SER A 338 -14.47 12.25 3.79
CA SER A 338 -14.56 11.45 2.58
C SER A 338 -15.40 10.21 2.81
N SER A 339 -15.28 9.62 4.01
CA SER A 339 -16.03 8.39 4.27
C SER A 339 -17.53 8.69 4.31
N LEU A 340 -17.89 9.93 4.64
CA LEU A 340 -19.29 10.36 4.60
C LEU A 340 -19.71 10.89 3.22
N GLY A 341 -18.80 10.91 2.25
CA GLY A 341 -19.10 11.50 0.95
C GLY A 341 -19.13 13.01 0.90
N LEU A 342 -18.64 13.72 1.92
CA LEU A 342 -18.73 15.17 1.95
C LEU A 342 -17.53 15.81 1.24
N PRO A 343 -17.74 16.65 0.24
CA PRO A 343 -16.63 17.42 -0.33
C PRO A 343 -16.34 18.62 0.55
N ILE A 344 -15.17 18.63 1.18
CA ILE A 344 -14.79 19.70 2.08
C ILE A 344 -13.50 20.32 1.58
N SER A 345 -13.09 21.40 2.23
CA SER A 345 -11.90 22.13 1.83
C SER A 345 -10.74 21.67 2.71
N THR A 346 -9.73 21.03 2.09
CA THR A 346 -8.55 20.64 2.86
C THR A 346 -7.74 21.88 3.27
N THR A 347 -7.72 22.89 2.41
CA THR A 347 -7.13 24.19 2.75
C THR A 347 -7.67 24.73 4.08
N HIS A 348 -9.00 24.85 4.19
CA HIS A 348 -9.57 25.41 5.41
C HIS A 348 -9.37 24.48 6.59
N VAL A 349 -9.31 23.16 6.35
CA VAL A 349 -9.07 22.26 7.48
C VAL A 349 -7.66 22.45 8.02
N VAL A 350 -6.62 22.55 7.16
CA VAL A 350 -5.26 22.74 7.71
C VAL A 350 -5.16 24.07 8.44
N VAL A 351 -5.82 25.12 7.91
CA VAL A 351 -5.85 26.40 8.63
C VAL A 351 -6.48 26.22 10.01
N GLY A 352 -7.59 25.49 10.08
CA GLY A 352 -8.19 25.19 11.37
C GLY A 352 -7.26 24.42 12.29
N ALA A 353 -6.54 23.44 11.75
CA ALA A 353 -5.64 22.64 12.59
C ALA A 353 -4.54 23.51 13.20
N VAL A 354 -3.90 24.35 12.37
CA VAL A 354 -2.84 25.22 12.91
C VAL A 354 -3.38 26.25 13.88
N THR A 355 -4.56 26.83 13.59
CA THR A 355 -5.20 27.70 14.58
C THR A 355 -5.42 26.96 15.91
N GLY A 356 -5.81 25.69 15.84
CA GLY A 356 -6.01 24.95 17.08
C GLY A 356 -4.72 24.82 17.88
N VAL A 357 -3.63 24.51 17.19
CA VAL A 357 -2.35 24.44 17.88
C VAL A 357 -1.98 25.81 18.47
N GLY A 358 -2.25 26.89 17.72
CA GLY A 358 -1.93 28.22 18.21
C GLY A 358 -2.69 28.58 19.47
N PHE A 359 -3.99 28.29 19.48
CA PHE A 359 -4.77 28.41 20.71
C PHE A 359 -4.14 27.60 21.83
N ALA A 360 -3.56 26.45 21.50
CA ALA A 360 -2.95 25.62 22.54
C ALA A 360 -1.61 26.19 23.03
N ARG A 361 -0.76 26.65 22.12
CA ARG A 361 0.60 27.04 22.50
C ARG A 361 0.73 28.52 22.80
N GLY A 362 0.48 29.37 21.81
CA GLY A 362 0.58 30.81 21.94
C GLY A 362 0.19 31.44 20.63
N LEU A 363 -0.70 32.43 20.68
CA LEU A 363 -1.41 32.89 19.48
C LEU A 363 -0.50 33.55 18.45
N GLU A 364 0.68 34.02 18.83
CA GLU A 364 1.63 34.46 17.82
C GLU A 364 1.91 33.27 16.90
N MET A 365 1.64 33.41 15.60
CA MET A 365 1.36 32.23 14.79
C MET A 365 0.07 31.61 15.33
N VAL A 366 -1.07 31.96 14.74
CA VAL A 366 -1.08 32.12 13.28
C VAL A 366 -0.77 33.50 12.71
N ASN A 367 -0.17 33.46 11.52
CA ASN A 367 -0.03 34.67 10.71
C ASN A 367 -1.42 35.14 10.32
N VAL A 368 -1.82 36.26 10.90
CA VAL A 368 -3.19 36.74 10.74
C VAL A 368 -3.43 37.25 9.32
N GLY A 369 -2.40 37.71 8.62
CA GLY A 369 -2.59 38.21 7.27
C GLY A 369 -3.01 37.12 6.29
N VAL A 370 -2.30 35.98 6.31
CA VAL A 370 -2.71 34.86 5.45
C VAL A 370 -4.06 34.33 5.90
N LEU A 371 -4.34 34.37 7.20
CA LEU A 371 -5.66 33.97 7.69
C LEU A 371 -6.75 34.86 7.08
N LYS A 372 -6.48 36.17 6.98
CA LYS A 372 -7.44 37.10 6.40
C LYS A 372 -7.61 36.84 4.91
N ASN A 373 -6.51 36.55 4.21
CA ASN A 373 -6.60 36.19 2.81
C ASN A 373 -7.46 34.94 2.62
N ILE A 374 -7.31 33.96 3.52
CA ILE A 374 -8.09 32.74 3.42
C ILE A 374 -9.56 33.07 3.60
N VAL A 375 -9.89 33.92 4.58
CA VAL A 375 -11.30 34.26 4.78
C VAL A 375 -11.85 35.03 3.57
N ILE A 376 -11.07 35.96 2.99
CA ILE A 376 -11.57 36.71 1.83
C ILE A 376 -11.84 35.77 0.66
N SER A 377 -10.85 34.94 0.31
CA SER A 377 -11.02 33.95 -0.75
C SER A 377 -12.20 33.03 -0.46
N TRP A 378 -12.33 32.58 0.79
CA TRP A 378 -13.48 31.79 1.20
C TRP A 378 -14.80 32.49 0.87
N LEU A 379 -14.88 33.81 1.12
CA LEU A 379 -16.15 34.50 0.88
C LEU A 379 -16.40 34.75 -0.61
N LEU A 380 -15.35 34.95 -1.39
CA LEU A 380 -15.51 35.31 -2.79
C LEU A 380 -15.61 34.14 -3.78
N ILE A 381 -15.13 32.94 -3.42
CA ILE A 381 -14.88 31.92 -4.45
C ILE A 381 -16.19 31.38 -5.02
N VAL A 382 -17.13 31.00 -4.16
CA VAL A 382 -18.36 30.39 -4.65
C VAL A 382 -19.14 31.35 -5.55
N PRO A 383 -19.42 32.60 -5.14
CA PRO A 383 -20.07 33.54 -6.08
C PRO A 383 -19.31 33.76 -7.39
N THR A 384 -17.99 33.97 -7.31
CA THR A 384 -17.22 34.25 -8.53
C THR A 384 -17.23 33.07 -9.49
N VAL A 385 -16.96 31.86 -8.98
CA VAL A 385 -16.93 30.72 -9.89
C VAL A 385 -18.33 30.40 -10.40
N ALA A 386 -19.35 30.57 -9.55
CA ALA A 386 -20.73 30.36 -9.99
C ALA A 386 -21.11 31.28 -11.15
N ALA A 387 -20.85 32.59 -11.00
CA ALA A 387 -21.13 33.54 -12.07
C ALA A 387 -20.35 33.19 -13.33
N THR A 388 -19.07 32.81 -13.17
CA THR A 388 -18.27 32.45 -14.34
C THR A 388 -18.82 31.23 -15.05
N SER A 389 -19.17 30.20 -14.29
CA SER A 389 -19.71 28.98 -14.88
C SER A 389 -21.01 29.28 -15.61
N ALA A 390 -21.86 30.12 -15.00
CA ALA A 390 -23.12 30.51 -15.62
C ALA A 390 -22.88 31.22 -16.94
N ALA A 391 -21.90 32.13 -16.98
CA ALA A 391 -21.57 32.83 -18.23
C ALA A 391 -21.00 31.87 -19.28
N VAL A 392 -20.09 30.99 -18.88
CA VAL A 392 -19.51 30.03 -19.83
C VAL A 392 -20.62 29.15 -20.40
N TYR A 393 -21.49 28.65 -19.54
CA TYR A 393 -22.59 27.81 -20.00
C TYR A 393 -23.46 28.57 -20.98
N TRP A 394 -23.90 29.78 -20.58
CA TRP A 394 -24.73 30.61 -21.46
C TRP A 394 -24.11 30.76 -22.83
N VAL A 395 -22.86 31.22 -22.88
CA VAL A 395 -22.19 31.39 -24.16
C VAL A 395 -22.20 30.07 -24.93
N LEU A 396 -21.85 28.97 -24.24
CA LEU A 396 -21.71 27.67 -24.91
C LEU A 396 -22.98 27.27 -25.65
N LYS A 397 -24.13 27.75 -25.20
CA LYS A 397 -25.37 27.36 -25.87
C LYS A 397 -25.59 28.14 -27.19
N LEU A 398 -24.49 28.68 -27.75
CA LEU A 398 -24.42 29.10 -29.14
C LEU A 398 -24.31 27.91 -30.10
N ILE A 399 -24.64 26.71 -29.63
CA ILE A 399 -24.50 25.49 -30.43
C ILE A 399 -25.80 25.24 -31.18
N LEU A 400 -25.68 25.11 -32.51
CA LEU A 400 -26.82 24.88 -33.40
C LEU A 400 -27.43 23.50 -33.18
N MET B 1 -14.09 -24.37 21.98
CA MET B 1 -13.15 -23.45 21.37
C MET B 1 -11.73 -23.70 21.86
N THR B 2 -11.54 -24.73 22.70
CA THR B 2 -10.18 -25.15 23.02
C THR B 2 -9.43 -25.54 21.75
N ILE B 3 -10.11 -26.24 20.83
CA ILE B 3 -9.44 -26.59 19.57
C ILE B 3 -9.07 -25.34 18.79
N LEU B 4 -9.89 -24.28 18.87
CA LEU B 4 -9.54 -23.03 18.19
C LEU B 4 -8.31 -22.39 18.81
N ILE B 5 -8.19 -22.45 20.12
CA ILE B 5 -7.03 -21.89 20.80
C ILE B 5 -5.76 -22.64 20.43
N ILE B 6 -5.85 -23.97 20.42
CA ILE B 6 -4.69 -24.79 20.05
C ILE B 6 -4.31 -24.53 18.59
N ALA B 7 -5.30 -24.40 17.71
CA ALA B 7 -5.03 -24.05 16.32
C ALA B 7 -4.34 -22.70 16.22
N GLY B 8 -4.80 -21.71 16.98
CA GLY B 8 -4.16 -20.41 16.95
C GLY B 8 -2.71 -20.49 17.38
N ILE B 9 -2.44 -21.23 18.44
CA ILE B 9 -1.07 -21.33 18.94
C ILE B 9 -0.19 -22.04 17.92
N LEU B 10 -0.66 -23.18 17.41
CA LEU B 10 0.14 -23.96 16.48
C LEU B 10 0.35 -23.23 15.16
N GLY B 11 -0.71 -22.59 14.64
CA GLY B 11 -0.56 -21.81 13.43
C GLY B 11 0.39 -20.64 13.63
N PHE B 12 0.35 -20.03 14.82
CA PHE B 12 1.28 -18.96 15.09
C PHE B 12 2.72 -19.46 15.09
N ILE B 13 2.97 -20.60 15.74
CA ILE B 13 4.32 -21.15 15.78
C ILE B 13 4.81 -21.50 14.37
N MET B 14 3.96 -22.13 13.57
CA MET B 14 4.32 -22.42 12.19
C MET B 14 4.66 -21.13 11.42
N ALA B 15 3.81 -20.10 11.54
CA ALA B 15 4.04 -18.84 10.83
C ALA B 15 5.35 -18.19 11.28
N PHE B 16 5.59 -18.18 12.59
CA PHE B 16 6.84 -17.68 13.15
C PHE B 16 8.04 -18.40 12.52
N SER B 17 7.95 -19.74 12.40
CA SER B 17 9.06 -20.51 11.84
C SER B 17 9.28 -20.19 10.36
N ILE B 18 8.20 -19.93 9.63
CA ILE B 18 8.34 -19.49 8.23
C ILE B 18 9.10 -18.16 8.14
N GLY B 19 8.66 -17.16 8.92
CA GLY B 19 9.34 -15.87 8.87
C GLY B 19 10.82 -16.01 9.20
N ALA B 20 11.12 -16.80 10.24
CA ALA B 20 12.49 -17.00 10.68
C ALA B 20 13.35 -17.63 9.59
N ASN B 21 12.84 -18.68 8.92
CA ASN B 21 13.68 -19.36 7.93
C ASN B 21 13.78 -18.60 6.63
N ASP B 22 12.74 -17.86 6.25
CA ASP B 22 12.67 -17.38 4.88
C ASP B 22 12.96 -15.90 4.69
N VAL B 23 13.12 -15.09 5.76
CA VAL B 23 13.42 -13.68 5.47
C VAL B 23 14.68 -13.55 4.61
N ALA B 24 15.66 -14.45 4.80
CA ALA B 24 16.85 -14.47 3.93
C ALA B 24 16.50 -14.47 2.45
N ASN B 25 15.42 -15.18 2.05
CA ASN B 25 15.09 -15.32 0.64
C ASN B 25 14.79 -13.97 -0.02
N SER B 26 14.32 -13.00 0.75
CA SER B 26 14.04 -11.69 0.18
C SER B 26 15.10 -10.66 0.52
N MET B 27 15.70 -10.72 1.71
CA MET B 27 16.55 -9.62 2.16
C MET B 27 18.06 -9.91 2.08
N ALA B 28 18.50 -11.15 1.82
CA ALA B 28 19.93 -11.41 1.83
C ALA B 28 20.67 -10.67 0.72
N THR B 29 20.04 -10.47 -0.44
CA THR B 29 20.68 -9.67 -1.48
C THR B 29 20.98 -8.25 -0.99
N ALA B 30 19.98 -7.58 -0.39
CA ALA B 30 20.12 -6.20 0.06
C ALA B 30 21.08 -6.12 1.24
N VAL B 31 21.02 -7.09 2.16
CA VAL B 31 21.89 -7.07 3.32
C VAL B 31 23.34 -7.37 2.91
N GLY B 32 23.54 -8.30 1.97
CA GLY B 32 24.88 -8.69 1.57
C GLY B 32 25.61 -7.63 0.78
N ALA B 33 24.88 -6.84 -0.02
CA ALA B 33 25.45 -5.67 -0.67
C ALA B 33 25.59 -4.49 0.28
N ARG B 34 25.25 -4.66 1.55
CA ARG B 34 25.19 -3.62 2.59
C ARG B 34 24.29 -2.45 2.19
N ALA B 35 23.33 -2.66 1.29
CA ALA B 35 22.38 -1.58 0.99
C ALA B 35 21.52 -1.23 2.21
N ILE B 36 21.36 -2.17 3.16
CA ILE B 36 20.61 -1.94 4.39
C ILE B 36 21.19 -2.84 5.47
N THR B 37 20.91 -2.51 6.72
CA THR B 37 21.32 -3.36 7.82
C THR B 37 20.33 -4.52 8.01
N VAL B 38 20.77 -5.52 8.76
CA VAL B 38 19.91 -6.64 9.12
C VAL B 38 18.63 -6.14 9.81
N ARG B 39 18.79 -5.23 10.77
CA ARG B 39 17.65 -4.71 11.53
C ARG B 39 16.66 -3.98 10.63
N GLN B 40 17.16 -3.13 9.73
CA GLN B 40 16.29 -2.46 8.78
C GLN B 40 15.59 -3.47 7.89
N ALA B 41 16.36 -4.44 7.38
CA ALA B 41 15.80 -5.49 6.53
C ALA B 41 14.66 -6.18 7.24
N ALA B 42 14.82 -6.45 8.54
CA ALA B 42 13.78 -7.14 9.30
C ALA B 42 12.52 -6.27 9.41
N LEU B 43 12.66 -4.97 9.68
CA LEU B 43 11.47 -4.11 9.83
C LEU B 43 10.71 -3.97 8.52
N ILE B 44 11.46 -3.74 7.43
CA ILE B 44 10.84 -3.67 6.11
C ILE B 44 10.09 -4.97 5.81
N ALA B 45 10.76 -6.11 6.00
CA ALA B 45 10.13 -7.40 5.69
C ALA B 45 8.90 -7.61 6.52
N MET B 46 8.92 -7.17 7.79
CA MET B 46 7.76 -7.30 8.65
C MET B 46 6.53 -6.69 7.99
N PHE B 47 6.70 -5.49 7.42
CA PHE B 47 5.53 -4.88 6.81
C PHE B 47 5.16 -5.55 5.48
N LEU B 48 6.16 -5.90 4.66
CA LEU B 48 5.88 -6.39 3.31
C LEU B 48 5.35 -7.83 3.31
N GLU B 49 5.88 -8.69 4.18
CA GLU B 49 5.37 -10.06 4.32
C GLU B 49 3.90 -10.03 4.71
N PHE B 50 3.57 -9.20 5.71
CA PHE B 50 2.18 -9.12 6.18
C PHE B 50 1.29 -8.59 5.07
N LEU B 51 1.79 -7.62 4.31
CA LEU B 51 0.98 -7.05 3.23
C LEU B 51 0.69 -8.06 2.12
N GLY B 52 1.70 -8.84 1.73
CA GLY B 52 1.48 -9.89 0.73
C GLY B 52 0.55 -10.98 1.23
N ALA B 53 0.72 -11.39 2.49
CA ALA B 53 -0.17 -12.39 3.08
C ALA B 53 -1.63 -11.93 3.04
N VAL B 54 -1.88 -10.66 3.38
CA VAL B 54 -3.26 -10.18 3.45
C VAL B 54 -3.81 -9.85 2.07
N MET B 55 -3.00 -9.30 1.18
CA MET B 55 -3.53 -8.91 -0.12
C MET B 55 -3.66 -10.09 -1.08
N PHE B 56 -2.85 -11.14 -0.92
CA PHE B 56 -2.81 -12.20 -1.93
C PHE B 56 -2.69 -13.61 -1.37
N GLY B 57 -2.70 -13.81 -0.05
CA GLY B 57 -2.44 -15.10 0.56
C GLY B 57 -3.57 -16.11 0.54
N SER B 58 -4.81 -15.73 0.20
CA SER B 58 -5.90 -16.69 0.32
C SER B 58 -5.87 -17.75 -0.79
N HIS B 59 -5.28 -17.42 -1.94
CA HIS B 59 -5.36 -18.28 -3.11
C HIS B 59 -4.59 -19.58 -2.94
N VAL B 60 -3.36 -19.51 -2.44
CA VAL B 60 -2.64 -20.74 -2.15
C VAL B 60 -3.18 -21.42 -0.89
N SER B 61 -3.71 -20.64 0.06
CA SER B 61 -4.34 -21.23 1.25
C SER B 61 -5.46 -22.20 0.87
N GLN B 62 -6.22 -21.88 -0.20
CA GLN B 62 -7.25 -22.81 -0.67
C GLN B 62 -6.64 -24.13 -1.13
N THR B 63 -5.50 -24.08 -1.82
CA THR B 63 -4.87 -25.31 -2.29
C THR B 63 -4.37 -26.15 -1.13
N ILE B 64 -3.75 -25.51 -0.14
CA ILE B 64 -3.34 -26.26 1.04
C ILE B 64 -4.55 -26.92 1.70
N VAL B 65 -5.71 -26.25 1.70
CA VAL B 65 -6.86 -26.82 2.39
C VAL B 65 -7.39 -28.06 1.64
N LYS B 66 -7.49 -28.02 0.31
CA LYS B 66 -8.05 -29.21 -0.34
C LYS B 66 -7.25 -29.76 -1.53
N GLY B 67 -5.95 -29.48 -1.62
CA GLY B 67 -5.20 -29.95 -2.78
C GLY B 67 -4.23 -31.08 -2.48
N ILE B 68 -4.04 -31.39 -1.20
CA ILE B 68 -3.13 -32.44 -0.76
C ILE B 68 -3.89 -33.64 -0.20
N VAL B 69 -4.69 -33.42 0.83
CA VAL B 69 -5.54 -34.45 1.39
C VAL B 69 -6.82 -34.52 0.58
N GLU B 70 -7.31 -35.74 0.34
CA GLU B 70 -8.60 -35.91 -0.33
C GLU B 70 -9.68 -35.68 0.72
N VAL B 71 -10.20 -34.45 0.75
CA VAL B 71 -11.03 -33.99 1.86
C VAL B 71 -12.30 -34.82 1.98
N GLU B 72 -12.94 -35.15 0.86
CA GLU B 72 -14.16 -35.96 0.90
C GLU B 72 -13.96 -37.38 1.43
N LYS B 73 -12.73 -37.84 1.66
CA LYS B 73 -12.53 -39.19 2.17
C LYS B 73 -12.15 -39.22 3.65
N VAL B 74 -11.95 -38.07 4.25
CA VAL B 74 -11.64 -37.97 5.66
C VAL B 74 -12.86 -37.40 6.38
N GLN B 75 -13.16 -37.93 7.55
CA GLN B 75 -14.15 -37.30 8.39
C GLN B 75 -13.65 -35.93 8.82
N PRO B 76 -14.52 -34.92 8.85
CA PRO B 76 -14.08 -33.56 9.27
C PRO B 76 -13.29 -33.52 10.57
N VAL B 77 -13.73 -34.23 11.61
CA VAL B 77 -13.00 -34.19 12.87
C VAL B 77 -11.55 -34.64 12.67
N GLU B 78 -11.35 -35.65 11.83
CA GLU B 78 -10.01 -36.15 11.59
C GLU B 78 -9.20 -35.17 10.77
N LEU B 79 -9.83 -34.49 9.81
CA LEU B 79 -9.16 -33.42 9.07
C LEU B 79 -8.64 -32.36 10.03
N MET B 80 -9.43 -32.05 11.05
CA MET B 80 -9.03 -31.05 12.02
C MET B 80 -7.80 -31.51 12.81
N TYR B 81 -7.81 -32.76 13.28
CA TYR B 81 -6.62 -33.25 13.99
C TYR B 81 -5.42 -33.45 13.04
N GLY B 82 -5.66 -33.79 11.78
CA GLY B 82 -4.56 -33.90 10.84
C GLY B 82 -3.91 -32.56 10.54
N ALA B 83 -4.71 -31.51 10.37
CA ALA B 83 -4.16 -30.18 10.16
C ALA B 83 -3.26 -29.79 11.32
N LEU B 84 -3.74 -30.02 12.55
CA LEU B 84 -2.89 -29.74 13.70
C LEU B 84 -1.61 -30.57 13.67
N SER B 85 -1.71 -31.85 13.34
CA SER B 85 -0.53 -32.72 13.31
C SER B 85 0.50 -32.22 12.32
N ALA B 86 0.04 -31.83 11.13
CA ALA B 86 0.93 -31.29 10.11
C ALA B 86 1.61 -30.01 10.60
N LEU B 87 0.85 -29.10 11.24
CA LEU B 87 1.45 -27.88 11.76
C LEU B 87 2.55 -28.20 12.78
N ILE B 88 2.24 -29.08 13.74
CA ILE B 88 3.23 -29.49 14.74
C ILE B 88 4.50 -30.00 14.07
N ALA B 89 4.34 -30.94 13.11
CA ALA B 89 5.49 -31.63 12.53
C ALA B 89 6.34 -30.70 11.70
N ALA B 90 5.68 -29.92 10.83
CA ALA B 90 6.41 -28.98 9.98
C ALA B 90 7.13 -27.93 10.83
N SER B 91 6.43 -27.34 11.81
CA SER B 91 7.06 -26.35 12.68
C SER B 91 8.31 -26.92 13.32
N PHE B 92 8.21 -28.15 13.84
CA PHE B 92 9.35 -28.78 14.49
C PHE B 92 10.54 -28.83 13.57
N TRP B 93 10.36 -29.37 12.36
CA TRP B 93 11.52 -29.51 11.50
C TRP B 93 12.03 -28.16 10.98
N ILE B 94 11.12 -27.21 10.71
CA ILE B 94 11.57 -25.88 10.27
C ILE B 94 12.43 -25.24 11.36
N LEU B 95 11.99 -25.35 12.62
CA LEU B 95 12.73 -24.71 13.70
C LEU B 95 14.08 -25.39 13.94
N ILE B 96 14.15 -26.72 13.81
CA ILE B 96 15.44 -27.41 13.92
C ILE B 96 16.40 -26.87 12.85
N ALA B 97 15.94 -26.86 11.60
CA ALA B 97 16.78 -26.37 10.53
C ALA B 97 17.19 -24.93 10.78
N THR B 98 16.24 -24.07 11.17
CA THR B 98 16.58 -22.68 11.42
C THR B 98 17.64 -22.57 12.51
N ASN B 99 17.46 -23.33 13.59
CA ASN B 99 18.43 -23.33 14.68
C ASN B 99 19.82 -23.60 14.16
N TRP B 100 19.97 -24.48 13.17
CA TRP B 100 21.32 -24.64 12.64
C TRP B 100 21.64 -23.69 11.49
N GLY B 101 20.78 -22.71 11.21
CA GLY B 101 21.04 -21.81 10.10
C GLY B 101 20.82 -22.40 8.73
N TYR B 102 20.07 -23.51 8.62
CA TYR B 102 19.93 -24.07 7.28
C TYR B 102 18.64 -23.59 6.63
N PRO B 103 18.72 -23.05 5.41
CA PRO B 103 17.50 -22.67 4.65
C PRO B 103 16.82 -23.92 4.10
N VAL B 104 15.57 -24.15 4.50
CA VAL B 104 14.75 -25.26 4.02
C VAL B 104 13.42 -24.72 3.47
N SER B 105 12.70 -25.58 2.76
CA SER B 105 11.38 -25.24 2.24
C SER B 105 10.30 -25.53 3.28
N THR B 106 9.64 -24.48 3.76
CA THR B 106 8.49 -24.63 4.66
C THR B 106 7.27 -25.13 3.89
N THR B 107 7.20 -24.84 2.59
CA THR B 107 6.10 -25.37 1.76
C THR B 107 6.22 -26.90 1.60
N HIS B 108 7.41 -27.38 1.23
CA HIS B 108 7.62 -28.82 1.16
C HIS B 108 7.31 -29.46 2.49
N SER B 109 7.70 -28.79 3.59
CA SER B 109 7.46 -29.32 4.93
C SER B 109 5.98 -29.46 5.22
N ILE B 110 5.19 -28.42 4.93
CA ILE B 110 3.79 -28.51 5.36
C ILE B 110 3.02 -29.47 4.43
N VAL B 111 3.38 -29.52 3.14
CA VAL B 111 2.71 -30.46 2.24
C VAL B 111 3.03 -31.91 2.64
N GLY B 112 4.28 -32.16 3.01
CA GLY B 112 4.62 -33.46 3.58
C GLY B 112 3.83 -33.77 4.82
N GLY B 113 3.67 -32.79 5.72
CA GLY B 113 2.85 -33.01 6.90
C GLY B 113 1.44 -33.46 6.55
N MET B 114 0.81 -32.77 5.60
CA MET B 114 -0.57 -33.06 5.24
C MET B 114 -0.68 -34.42 4.55
N MET B 115 0.27 -34.71 3.66
CA MET B 115 0.32 -36.01 3.00
C MET B 115 0.44 -37.14 4.04
N GLY B 116 1.33 -36.97 5.02
CA GLY B 116 1.50 -37.98 6.04
C GLY B 116 0.23 -38.24 6.80
N PHE B 117 -0.45 -37.16 7.23
CA PHE B 117 -1.75 -37.34 7.88
C PHE B 117 -2.70 -38.12 6.97
N GLY B 118 -2.82 -37.70 5.71
CA GLY B 118 -3.78 -38.34 4.81
C GLY B 118 -3.50 -39.81 4.62
N LEU B 119 -2.22 -40.19 4.55
CA LEU B 119 -1.85 -41.59 4.35
C LEU B 119 -2.15 -42.42 5.58
N VAL B 120 -1.90 -41.89 6.77
CA VAL B 120 -2.17 -42.69 7.96
C VAL B 120 -3.67 -42.77 8.24
N ALA B 121 -4.43 -41.75 7.85
CA ALA B 121 -5.85 -41.77 8.20
C ALA B 121 -6.65 -42.62 7.22
N VAL B 122 -6.31 -42.56 5.94
CA VAL B 122 -7.11 -43.21 4.91
C VAL B 122 -6.30 -44.08 3.97
N GLY B 123 -4.99 -43.95 3.89
CA GLY B 123 -4.21 -44.73 2.94
C GLY B 123 -4.03 -44.00 1.63
N ILE B 124 -3.57 -44.75 0.63
CA ILE B 124 -3.29 -44.20 -0.70
C ILE B 124 -4.45 -43.32 -1.20
N ASN B 125 -5.67 -43.59 -0.76
CA ASN B 125 -6.83 -42.81 -1.19
C ASN B 125 -6.99 -41.52 -0.40
N GLY B 126 -6.30 -41.37 0.72
CA GLY B 126 -6.33 -40.15 1.51
C GLY B 126 -5.58 -38.98 0.93
N VAL B 127 -4.87 -39.18 -0.18
CA VAL B 127 -4.08 -38.13 -0.81
C VAL B 127 -4.73 -37.78 -2.15
N ASN B 128 -4.90 -36.47 -2.39
CA ASN B 128 -5.45 -35.95 -3.64
C ASN B 128 -4.35 -35.97 -4.71
N TRP B 129 -4.15 -37.16 -5.32
CA TRP B 129 -3.00 -37.39 -6.20
C TRP B 129 -3.04 -36.52 -7.46
N LYS B 130 -4.22 -36.25 -8.02
CA LYS B 130 -4.30 -35.41 -9.21
C LYS B 130 -3.66 -34.04 -8.95
N THR B 131 -4.08 -33.36 -7.88
CA THR B 131 -3.54 -32.03 -7.59
C THR B 131 -2.12 -32.11 -7.06
N PHE B 132 -1.87 -33.05 -6.14
CA PHE B 132 -0.52 -33.20 -5.60
C PHE B 132 0.50 -33.37 -6.71
N LEU B 133 0.09 -34.01 -7.82
CA LEU B 133 0.98 -34.20 -8.95
C LEU B 133 1.39 -32.87 -9.59
N PHE B 134 0.40 -31.99 -9.82
CA PHE B 134 0.70 -30.68 -10.38
C PHE B 134 1.53 -29.85 -9.41
N ILE B 135 1.35 -30.06 -8.10
CA ILE B 135 2.16 -29.36 -7.11
C ILE B 135 3.63 -29.80 -7.21
N VAL B 136 3.87 -31.12 -7.31
CA VAL B 136 5.26 -31.59 -7.44
C VAL B 136 5.86 -31.10 -8.75
N LEU B 137 5.08 -31.12 -9.83
CA LEU B 137 5.55 -30.57 -11.09
C LEU B 137 5.97 -29.11 -10.94
N SER B 138 5.18 -28.32 -10.21
CA SER B 138 5.55 -26.93 -10.02
C SER B 138 6.80 -26.81 -9.16
N TRP B 139 7.01 -27.77 -8.25
CA TRP B 139 8.22 -27.75 -7.44
C TRP B 139 9.47 -27.96 -8.29
N VAL B 140 9.31 -28.65 -9.42
CA VAL B 140 10.42 -28.85 -10.34
C VAL B 140 10.54 -27.69 -11.33
N VAL B 141 9.41 -27.18 -11.83
CA VAL B 141 9.41 -26.15 -12.86
C VAL B 141 9.77 -24.77 -12.30
N SER B 142 9.31 -24.45 -11.08
CA SER B 142 9.47 -23.09 -10.54
C SER B 142 10.91 -22.64 -10.45
N PRO B 143 11.84 -23.40 -9.84
CA PRO B 143 13.23 -22.92 -9.77
C PRO B 143 13.88 -22.78 -11.14
N VAL B 144 13.50 -23.64 -12.08
CA VAL B 144 14.02 -23.54 -13.44
C VAL B 144 13.50 -22.27 -14.09
N LEU B 145 12.22 -21.99 -13.92
CA LEU B 145 11.66 -20.75 -14.46
C LEU B 145 12.31 -19.53 -13.82
N GLY B 146 12.63 -19.62 -12.53
CA GLY B 146 13.33 -18.51 -11.89
C GLY B 146 14.72 -18.30 -12.47
N GLY B 147 15.44 -19.40 -12.69
CA GLY B 147 16.75 -19.30 -13.33
C GLY B 147 16.66 -18.74 -14.74
N LEU B 148 15.67 -19.18 -15.50
CA LEU B 148 15.52 -18.71 -16.88
C LEU B 148 15.19 -17.22 -16.92
N ILE B 149 14.23 -16.79 -16.11
CA ILE B 149 13.87 -15.38 -16.06
C ILE B 149 15.07 -14.54 -15.65
N SER B 150 15.77 -14.99 -14.61
CA SER B 150 17.04 -14.42 -14.18
C SER B 150 17.99 -14.19 -15.36
N PHE B 151 18.27 -15.27 -16.10
CA PHE B 151 19.22 -15.22 -17.20
C PHE B 151 18.77 -14.21 -18.26
N VAL B 152 17.52 -14.32 -18.68
CA VAL B 152 17.02 -13.42 -19.73
C VAL B 152 17.05 -11.98 -19.25
N MET B 153 16.71 -11.75 -17.97
CA MET B 153 16.63 -10.38 -17.48
C MET B 153 18.02 -9.78 -17.35
N PHE B 154 19.02 -10.55 -16.90
CA PHE B 154 20.36 -10.01 -16.83
C PHE B 154 20.88 -9.66 -18.23
N LYS B 155 20.53 -10.48 -19.23
CA LYS B 155 20.82 -10.12 -20.61
C LYS B 155 20.14 -8.83 -21.04
N LEU B 156 18.87 -8.65 -20.65
CA LEU B 156 18.17 -7.40 -20.93
C LEU B 156 18.90 -6.21 -20.31
N ILE B 157 19.37 -6.37 -19.08
CA ILE B 157 20.07 -5.28 -18.39
C ILE B 157 21.34 -4.91 -19.16
N SER B 158 22.14 -5.93 -19.52
CA SER B 158 23.35 -5.69 -20.30
C SER B 158 23.05 -4.96 -21.60
N LEU B 159 22.10 -5.51 -22.37
CA LEU B 159 21.70 -4.92 -23.64
C LEU B 159 21.21 -3.48 -23.49
N SER B 160 20.37 -3.21 -22.49
CA SER B 160 19.71 -1.92 -22.40
C SER B 160 20.44 -0.93 -21.53
N VAL B 161 21.36 -1.39 -20.67
CA VAL B 161 22.12 -0.45 -19.84
C VAL B 161 23.61 -0.48 -20.20
N PHE B 162 24.28 -1.61 -19.97
CA PHE B 162 25.74 -1.62 -20.05
C PHE B 162 26.23 -1.50 -21.49
N HIS B 163 25.65 -2.26 -22.42
CA HIS B 163 26.08 -2.17 -23.80
C HIS B 163 25.46 -0.99 -24.55
N THR B 164 25.47 0.21 -23.97
CA THR B 164 24.92 1.39 -24.62
C THR B 164 25.93 2.53 -24.55
N LYS B 165 25.71 3.54 -25.39
CA LYS B 165 26.61 4.69 -25.48
C LYS B 165 26.69 5.50 -24.20
N ASN B 166 25.65 5.46 -23.36
CA ASN B 166 25.56 6.32 -22.19
C ASN B 166 24.84 5.57 -21.08
N PRO B 167 25.54 4.64 -20.40
CA PRO B 167 24.84 3.75 -19.46
C PRO B 167 24.15 4.47 -18.30
N LYS B 168 24.65 5.63 -17.86
CA LYS B 168 23.94 6.38 -16.82
C LYS B 168 22.53 6.76 -17.28
N LYS B 169 22.46 7.41 -18.45
CA LYS B 169 21.19 7.77 -19.08
C LYS B 169 20.30 6.54 -19.27
N SER B 170 20.90 5.41 -19.64
CA SER B 170 20.12 4.20 -19.89
C SER B 170 19.54 3.63 -18.60
N SER B 171 20.31 3.69 -17.50
CA SER B 171 19.84 3.17 -16.23
C SER B 171 18.66 3.99 -15.74
N THR B 172 18.72 5.29 -16.00
CA THR B 172 17.62 6.22 -15.73
C THR B 172 16.29 5.77 -16.34
N VAL B 173 16.33 4.93 -17.37
CA VAL B 173 15.13 4.43 -18.01
C VAL B 173 14.86 2.97 -17.65
N ALA B 174 15.89 2.15 -17.49
CA ALA B 174 15.68 0.72 -17.38
C ALA B 174 15.29 0.30 -15.95
N ILE B 175 15.85 0.97 -14.95
CA ILE B 175 15.50 0.62 -13.58
C ILE B 175 14.05 1.03 -13.30
N PRO B 176 13.63 2.26 -13.67
CA PRO B 176 12.20 2.58 -13.54
C PRO B 176 11.30 1.64 -14.29
N PHE B 177 11.74 1.17 -15.46
CA PHE B 177 10.90 0.23 -16.19
C PHE B 177 10.63 -1.03 -15.38
N PHE B 178 11.65 -1.58 -14.73
CA PHE B 178 11.42 -2.84 -14.02
C PHE B 178 10.64 -2.62 -12.72
N ILE B 179 10.92 -1.54 -11.99
CA ILE B 179 10.11 -1.23 -10.80
C ILE B 179 8.63 -1.11 -11.19
N SER B 180 8.36 -0.43 -12.32
CA SER B 180 7.01 -0.26 -12.83
C SER B 180 6.39 -1.58 -13.27
N LEU B 181 7.18 -2.47 -13.87
CA LEU B 181 6.67 -3.79 -14.20
C LEU B 181 6.26 -4.56 -12.94
N ALA B 182 7.07 -4.47 -11.90
CA ALA B 182 6.75 -5.14 -10.64
C ALA B 182 5.42 -4.64 -10.07
N ILE B 183 5.25 -3.31 -10.02
CA ILE B 183 4.02 -2.70 -9.53
C ILE B 183 2.83 -3.10 -10.40
N PHE B 184 3.00 -3.06 -11.74
CA PHE B 184 1.93 -3.50 -12.62
C PHE B 184 1.49 -4.92 -12.29
N THR B 185 2.44 -5.80 -12.05
CA THR B 185 2.11 -7.20 -11.75
C THR B 185 1.34 -7.31 -10.44
N MET B 186 1.85 -6.68 -9.38
CA MET B 186 1.19 -6.74 -8.08
C MET B 186 -0.24 -6.20 -8.14
N ILE B 187 -0.41 -5.03 -8.76
CA ILE B 187 -1.70 -4.36 -8.78
C ILE B 187 -2.68 -5.13 -9.65
N SER B 188 -2.29 -5.47 -10.90
CA SER B 188 -3.22 -6.16 -11.78
C SER B 188 -3.66 -7.49 -11.19
N LEU B 189 -2.74 -8.22 -10.55
CA LEU B 189 -3.16 -9.48 -9.94
C LEU B 189 -4.04 -9.25 -8.71
N PHE B 190 -3.73 -8.24 -7.90
CA PHE B 190 -4.57 -7.98 -6.74
C PHE B 190 -5.98 -7.60 -7.16
N VAL B 191 -6.10 -6.75 -8.17
CA VAL B 191 -7.41 -6.28 -8.60
C VAL B 191 -8.16 -7.40 -9.29
N LYS B 192 -7.46 -8.23 -10.07
CA LYS B 192 -8.12 -9.31 -10.80
C LYS B 192 -8.50 -10.46 -9.88
N LYS B 193 -7.53 -11.07 -9.22
CA LYS B 193 -7.80 -12.27 -8.44
C LYS B 193 -8.37 -11.98 -7.05
N THR B 194 -7.85 -10.99 -6.32
CA THR B 194 -8.38 -10.83 -4.97
C THR B 194 -9.69 -10.07 -4.96
N LEU B 195 -9.75 -8.93 -5.65
CA LEU B 195 -10.97 -8.12 -5.65
C LEU B 195 -11.98 -8.59 -6.68
N LYS B 196 -11.60 -9.52 -7.54
CA LYS B 196 -12.51 -10.15 -8.50
C LYS B 196 -13.17 -9.14 -9.43
N GLN B 197 -12.35 -8.22 -9.98
CA GLN B 197 -12.80 -7.23 -10.94
C GLN B 197 -12.49 -7.67 -12.36
N PRO B 198 -13.15 -7.10 -13.37
CA PRO B 198 -12.89 -7.54 -14.76
C PRO B 198 -11.45 -7.31 -15.19
N LEU B 199 -11.04 -8.07 -16.20
CA LEU B 199 -9.66 -8.02 -16.69
C LEU B 199 -9.28 -6.63 -17.18
N SER B 200 -10.17 -5.96 -17.92
CA SER B 200 -9.85 -4.65 -18.46
C SER B 200 -9.59 -3.64 -17.34
N GLU B 201 -10.38 -3.69 -16.28
CA GLU B 201 -10.20 -2.78 -15.15
C GLU B 201 -8.92 -3.10 -14.39
N SER B 202 -8.63 -4.39 -14.20
CA SER B 202 -7.37 -4.80 -13.57
C SER B 202 -6.17 -4.27 -14.35
N PHE B 203 -6.19 -4.42 -15.67
CA PHE B 203 -5.08 -3.94 -16.48
C PHE B 203 -4.99 -2.43 -16.45
N LEU B 204 -6.14 -1.76 -16.50
CA LEU B 204 -6.13 -0.30 -16.49
C LEU B 204 -5.52 0.24 -15.20
N LEU B 205 -5.88 -0.36 -14.06
CA LEU B 205 -5.30 0.06 -12.79
C LEU B 205 -3.81 -0.29 -12.71
N GLY B 206 -3.44 -1.50 -13.19
CA GLY B 206 -2.02 -1.83 -13.25
C GLY B 206 -1.22 -0.83 -14.05
N ILE B 207 -1.74 -0.43 -15.21
CA ILE B 207 -1.03 0.52 -16.06
C ILE B 207 -0.91 1.87 -15.37
N ALA B 208 -2.00 2.36 -14.76
CA ALA B 208 -1.89 3.70 -14.16
C ALA B 208 -0.88 3.71 -13.01
N PHE B 209 -0.90 2.68 -12.16
CA PHE B 209 0.10 2.56 -11.10
C PHE B 209 1.51 2.50 -11.68
N SER B 210 1.67 1.80 -12.83
CA SER B 210 2.97 1.72 -13.49
C SER B 210 3.45 3.09 -13.94
N LEU B 211 2.54 3.86 -14.54
CA LEU B 211 2.90 5.19 -15.05
C LEU B 211 3.40 6.09 -13.94
N VAL B 212 2.66 6.14 -12.82
CA VAL B 212 3.08 6.98 -11.69
C VAL B 212 4.42 6.51 -11.14
N THR B 213 4.54 5.18 -10.95
CA THR B 213 5.77 4.58 -10.45
C THR B 213 6.96 4.92 -11.34
N PHE B 214 6.79 4.78 -12.66
CA PHE B 214 7.88 5.06 -13.59
C PHE B 214 8.31 6.51 -13.47
N PHE B 215 7.35 7.43 -13.38
CA PHE B 215 7.69 8.84 -13.27
C PHE B 215 8.53 9.11 -12.03
N VAL B 216 8.05 8.63 -10.88
CA VAL B 216 8.72 8.94 -9.61
C VAL B 216 10.09 8.29 -9.53
N VAL B 217 10.17 7.00 -9.90
CA VAL B 217 11.45 6.30 -9.85
C VAL B 217 12.42 6.90 -10.86
N HIS B 218 11.93 7.31 -12.03
CA HIS B 218 12.79 7.96 -13.01
C HIS B 218 13.46 9.18 -12.40
N PHE B 219 12.68 10.05 -11.72
CA PHE B 219 13.35 11.24 -11.19
C PHE B 219 14.24 10.92 -9.98
N ALA B 220 13.89 9.92 -9.18
CA ALA B 220 14.80 9.52 -8.11
C ALA B 220 16.12 9.00 -8.68
N VAL B 221 16.07 8.24 -9.79
CA VAL B 221 17.28 7.68 -10.39
C VAL B 221 18.11 8.77 -11.05
N ARG B 222 17.47 9.70 -11.78
CA ARG B 222 18.18 10.85 -12.31
C ARG B 222 19.00 11.53 -11.22
N LYS B 223 18.40 11.70 -10.04
CA LYS B 223 19.17 12.26 -8.93
C LYS B 223 20.35 11.36 -8.56
N LEU B 224 20.09 10.08 -8.29
CA LEU B 224 21.11 9.18 -7.76
C LEU B 224 22.29 9.01 -8.71
N ILE B 225 22.02 8.98 -10.01
CA ILE B 225 23.03 8.69 -11.01
C ILE B 225 24.11 9.75 -11.05
N ASN B 226 23.87 10.92 -10.43
CA ASN B 226 24.81 12.03 -10.37
C ASN B 226 25.74 11.99 -9.16
N GLU B 227 25.63 11.00 -8.28
CA GLU B 227 26.46 10.98 -7.09
C GLU B 227 27.85 10.42 -7.33
N LYS B 228 28.05 9.65 -8.40
CA LYS B 228 29.35 9.08 -8.72
C LYS B 228 29.77 9.53 -10.10
N LYS B 229 31.08 9.75 -10.27
CA LYS B 229 31.61 10.20 -11.55
C LYS B 229 31.77 9.03 -12.52
N ASP B 230 32.39 7.94 -12.07
CA ASP B 230 32.62 6.80 -12.96
C ASP B 230 31.29 6.14 -13.34
N VAL B 231 31.18 5.78 -14.63
CA VAL B 231 29.93 5.26 -15.19
C VAL B 231 29.49 4.00 -14.44
N TYR B 232 30.39 3.03 -14.29
CA TYR B 232 30.00 1.76 -13.71
C TYR B 232 29.73 1.89 -12.22
N ASP B 233 30.53 2.70 -11.53
CA ASP B 233 30.29 2.93 -10.11
C ASP B 233 28.94 3.59 -9.87
N ALA B 234 28.55 4.52 -10.76
CA ALA B 234 27.28 5.21 -10.62
C ALA B 234 26.11 4.27 -10.90
N VAL B 235 26.22 3.45 -11.95
CA VAL B 235 25.15 2.52 -12.27
C VAL B 235 24.98 1.49 -11.15
N GLU B 236 26.08 0.96 -10.63
CA GLU B 236 25.95 0.01 -9.54
C GLU B 236 25.40 0.66 -8.29
N ASN B 237 25.70 1.94 -8.07
CA ASN B 237 25.15 2.65 -6.93
C ASN B 237 23.62 2.78 -7.05
N VAL B 238 23.15 3.07 -8.26
CA VAL B 238 21.71 3.14 -8.49
C VAL B 238 21.06 1.76 -8.30
N PHE B 239 21.67 0.70 -8.86
CA PHE B 239 21.14 -0.63 -8.60
C PHE B 239 21.17 -0.98 -7.13
N LYS B 240 22.17 -0.48 -6.39
CA LYS B 240 22.28 -0.77 -4.98
C LYS B 240 21.09 -0.22 -4.21
N ARG B 241 20.64 0.97 -4.59
CA ARG B 241 19.46 1.49 -3.92
C ARG B 241 18.18 0.82 -4.41
N ALA B 242 18.07 0.53 -5.71
CA ALA B 242 16.86 -0.04 -6.28
C ALA B 242 16.62 -1.49 -5.85
N GLN B 243 17.68 -2.21 -5.50
CA GLN B 243 17.51 -3.58 -5.06
C GLN B 243 16.92 -3.66 -3.66
N ILE B 244 16.81 -2.53 -2.95
CA ILE B 244 15.98 -2.51 -1.76
C ILE B 244 14.51 -2.66 -2.14
N LEU B 245 14.08 -1.93 -3.17
CA LEU B 245 12.71 -2.04 -3.64
C LEU B 245 12.44 -3.47 -4.09
N THR B 246 13.38 -4.03 -4.84
CA THR B 246 13.18 -5.37 -5.36
C THR B 246 13.19 -6.41 -4.23
N SER B 247 13.90 -6.13 -3.12
CA SER B 247 13.79 -7.01 -1.96
C SER B 247 12.39 -6.94 -1.34
N CYS B 248 11.79 -5.73 -1.31
CA CYS B 248 10.42 -5.59 -0.85
C CYS B 248 9.47 -6.42 -1.72
N TYR B 249 9.68 -6.35 -3.02
CA TYR B 249 8.88 -7.12 -3.97
C TYR B 249 8.95 -8.61 -3.63
N VAL B 250 10.16 -9.11 -3.32
CA VAL B 250 10.26 -10.53 -2.95
C VAL B 250 9.50 -10.80 -1.65
N SER B 251 9.66 -9.93 -0.64
CA SER B 251 8.99 -10.09 0.65
C SER B 251 7.47 -10.20 0.50
N PHE B 252 6.89 -9.30 -0.29
CA PHE B 252 5.47 -9.31 -0.59
C PHE B 252 5.06 -10.64 -1.21
N SER B 253 5.80 -11.07 -2.24
CA SER B 253 5.42 -12.30 -2.94
C SER B 253 5.62 -13.51 -2.03
N HIS B 254 6.56 -13.42 -1.10
CA HIS B 254 6.75 -14.50 -0.15
C HIS B 254 5.56 -14.63 0.80
N GLY B 255 5.13 -13.49 1.37
CA GLY B 255 3.91 -13.51 2.18
C GLY B 255 2.72 -14.07 1.41
N ALA B 256 2.60 -13.68 0.13
CA ALA B 256 1.47 -14.12 -0.68
C ALA B 256 1.47 -15.64 -0.90
N ASN B 257 2.65 -16.23 -1.19
CA ASN B 257 2.67 -17.66 -1.46
C ASN B 257 2.72 -18.50 -0.20
N ASP B 258 3.41 -18.03 0.86
CA ASP B 258 3.70 -18.88 1.99
C ASP B 258 2.80 -18.68 3.20
N VAL B 259 1.99 -17.61 3.28
CA VAL B 259 1.12 -17.56 4.45
C VAL B 259 0.24 -18.79 4.49
N ALA B 260 -0.11 -19.34 3.31
CA ALA B 260 -0.83 -20.60 3.21
C ALA B 260 -0.24 -21.72 4.05
N ASN B 261 1.09 -21.78 4.21
CA ASN B 261 1.66 -22.91 4.94
C ASN B 261 1.24 -22.94 6.40
N ALA B 262 0.82 -21.80 6.94
CA ALA B 262 0.23 -21.75 8.27
C ALA B 262 -1.27 -21.51 8.24
N ALA B 263 -1.75 -20.72 7.28
CA ALA B 263 -3.16 -20.31 7.25
C ALA B 263 -4.07 -21.39 6.69
N GLY B 264 -3.59 -22.21 5.74
CA GLY B 264 -4.37 -23.31 5.24
C GLY B 264 -4.77 -24.31 6.31
N PRO B 265 -3.80 -24.84 7.06
CA PRO B 265 -4.19 -25.78 8.14
C PRO B 265 -5.11 -25.15 9.17
N VAL B 266 -4.81 -23.91 9.57
CA VAL B 266 -5.66 -23.22 10.54
C VAL B 266 -7.06 -23.02 9.97
N ALA B 267 -7.15 -22.57 8.71
CA ALA B 267 -8.46 -22.42 8.08
C ALA B 267 -9.23 -23.73 8.06
N ALA B 268 -8.56 -24.84 7.81
CA ALA B 268 -9.27 -26.10 7.78
C ALA B 268 -9.87 -26.40 9.15
N VAL B 269 -9.11 -26.12 10.21
CA VAL B 269 -9.65 -26.32 11.56
C VAL B 269 -10.83 -25.39 11.83
N MET B 270 -10.70 -24.11 11.45
CA MET B 270 -11.80 -23.17 11.63
C MET B 270 -13.04 -23.58 10.84
N ILE B 271 -12.86 -24.04 9.60
CA ILE B 271 -13.98 -24.41 8.77
C ILE B 271 -14.69 -25.62 9.37
N VAL B 272 -13.94 -26.59 9.89
CA VAL B 272 -14.61 -27.75 10.48
C VAL B 272 -15.36 -27.33 11.76
N ALA B 273 -14.70 -26.55 12.65
CA ALA B 273 -15.38 -26.10 13.87
C ALA B 273 -16.62 -25.27 13.58
N SER B 274 -16.60 -24.51 12.49
CA SER B 274 -17.70 -23.61 12.20
C SER B 274 -18.85 -24.30 11.45
N THR B 275 -18.53 -25.06 10.40
CA THR B 275 -19.57 -25.66 9.57
C THR B 275 -19.54 -27.17 9.50
N GLY B 276 -18.44 -27.83 9.87
CA GLY B 276 -18.38 -29.28 9.75
C GLY B 276 -17.78 -29.75 8.44
N VAL B 277 -18.61 -30.08 7.45
CA VAL B 277 -18.09 -30.51 6.16
C VAL B 277 -17.48 -29.33 5.44
N VAL B 278 -16.27 -29.51 4.91
CA VAL B 278 -15.59 -28.53 4.08
C VAL B 278 -16.41 -28.31 2.81
N PRO B 279 -16.91 -27.10 2.56
CA PRO B 279 -17.84 -26.88 1.43
C PRO B 279 -17.16 -27.04 0.08
N LYS B 280 -18.00 -26.99 -0.95
CA LYS B 280 -17.55 -27.09 -2.33
C LYS B 280 -16.47 -26.04 -2.61
N THR B 281 -16.83 -24.79 -2.43
CA THR B 281 -15.91 -23.67 -2.59
C THR B 281 -15.49 -23.18 -1.21
N VAL B 282 -14.18 -23.19 -0.96
CA VAL B 282 -13.62 -22.82 0.34
C VAL B 282 -13.39 -21.31 0.40
N GLU B 283 -13.86 -20.68 1.47
CA GLU B 283 -13.53 -19.29 1.76
C GLU B 283 -12.57 -19.26 2.94
N ILE B 284 -11.37 -18.72 2.73
CA ILE B 284 -10.37 -18.66 3.80
C ILE B 284 -10.74 -17.56 4.79
N PRO B 285 -10.99 -17.89 6.06
CA PRO B 285 -11.32 -16.84 7.04
C PRO B 285 -10.15 -15.88 7.23
N PHE B 286 -10.46 -14.58 7.13
CA PHE B 286 -9.42 -13.58 7.19
C PHE B 286 -8.62 -13.68 8.48
N LEU B 287 -9.26 -14.12 9.56
CA LEU B 287 -8.53 -14.36 10.79
C LEU B 287 -7.33 -15.27 10.58
N ALA B 288 -7.50 -16.36 9.79
CA ALA B 288 -6.39 -17.26 9.48
C ALA B 288 -5.25 -16.52 8.79
N LEU B 289 -5.57 -15.68 7.80
CA LEU B 289 -4.53 -15.00 7.05
C LEU B 289 -3.83 -13.96 7.92
N LEU B 290 -4.59 -13.31 8.83
CA LEU B 290 -4.03 -12.29 9.71
C LEU B 290 -3.09 -12.91 10.72
N LEU B 291 -3.48 -14.05 11.29
CA LEU B 291 -2.61 -14.78 12.22
C LEU B 291 -1.35 -15.22 11.52
N GLY B 292 -1.48 -15.79 10.31
CA GLY B 292 -0.30 -16.18 9.57
C GLY B 292 0.62 -15.00 9.27
N GLY B 293 0.04 -13.88 8.86
CA GLY B 293 0.85 -12.71 8.55
C GLY B 293 1.59 -12.18 9.77
N ILE B 294 0.87 -12.02 10.89
CA ILE B 294 1.50 -11.53 12.12
C ILE B 294 2.62 -12.47 12.54
N GLY B 295 2.36 -13.79 12.51
CA GLY B 295 3.36 -14.74 12.94
C GLY B 295 4.61 -14.72 12.07
N ILE B 296 4.42 -14.61 10.75
CA ILE B 296 5.58 -14.47 9.85
C ILE B 296 6.38 -13.22 10.20
N SER B 297 5.70 -12.08 10.38
CA SER B 297 6.39 -10.84 10.73
C SER B 297 7.19 -10.98 12.03
N LEU B 298 6.56 -11.57 13.04
CA LEU B 298 7.24 -11.72 14.32
C LEU B 298 8.42 -12.70 14.20
N GLY B 299 8.27 -13.77 13.41
CA GLY B 299 9.39 -14.66 13.18
C GLY B 299 10.54 -13.98 12.45
N VAL B 300 10.20 -13.12 11.49
CA VAL B 300 11.23 -12.36 10.79
C VAL B 300 12.01 -11.53 11.79
N PHE B 301 11.30 -10.87 12.71
CA PHE B 301 11.98 -9.96 13.63
C PHE B 301 12.76 -10.68 14.72
N PHE B 302 12.17 -11.70 15.34
CA PHE B 302 12.81 -12.30 16.51
C PHE B 302 13.77 -13.43 16.18
N LEU B 303 13.67 -14.05 15.01
CA LEU B 303 14.55 -15.20 14.80
C LEU B 303 15.24 -15.15 13.44
N GLY B 304 14.61 -14.55 12.43
CA GLY B 304 15.19 -14.52 11.10
C GLY B 304 16.46 -13.70 11.04
N GLN B 305 16.67 -12.86 12.05
CA GLN B 305 17.78 -11.94 12.17
C GLN B 305 19.03 -12.74 12.51
N LYS B 306 19.01 -14.05 12.25
CA LYS B 306 20.17 -14.92 12.36
C LYS B 306 20.52 -15.61 11.05
N VAL B 307 19.60 -16.36 10.44
CA VAL B 307 19.88 -17.05 9.18
C VAL B 307 20.00 -16.06 8.00
N MET B 308 19.43 -14.86 8.14
CA MET B 308 19.59 -13.84 7.12
C MET B 308 21.08 -13.48 6.95
N GLU B 309 21.75 -13.10 8.05
CA GLU B 309 23.18 -12.76 7.99
C GLU B 309 24.07 -14.00 8.12
N THR B 310 23.68 -15.08 7.46
CA THR B 310 24.40 -16.30 7.17
C THR B 310 24.25 -16.66 5.70
N VAL B 311 23.08 -16.40 5.12
CA VAL B 311 22.99 -16.44 3.66
C VAL B 311 23.65 -15.20 3.05
N GLY B 312 23.53 -14.05 3.73
CA GLY B 312 24.06 -12.81 3.16
C GLY B 312 25.56 -12.81 2.96
N GLU B 313 26.31 -13.42 3.91
CA GLU B 313 27.76 -13.46 3.78
C GLU B 313 28.20 -14.13 2.49
N LYS B 314 27.43 -15.14 2.05
CA LYS B 314 27.80 -15.94 0.88
C LYS B 314 27.59 -15.19 -0.43
N ILE B 315 26.91 -14.04 -0.44
CA ILE B 315 26.61 -13.35 -1.68
C ILE B 315 27.06 -11.89 -1.66
N THR B 316 27.97 -11.55 -0.75
CA THR B 316 28.49 -10.18 -0.74
C THR B 316 29.31 -9.86 -1.99
N THR B 317 29.64 -10.86 -2.80
CA THR B 317 30.27 -10.66 -4.09
C THR B 317 29.26 -10.61 -5.22
N LEU B 318 27.96 -10.67 -4.92
CA LEU B 318 26.93 -10.52 -5.93
C LEU B 318 26.78 -9.04 -6.28
N THR B 319 26.96 -8.68 -7.54
CA THR B 319 26.80 -7.28 -7.91
C THR B 319 25.38 -6.82 -7.63
N ASN B 320 25.23 -5.51 -7.46
CA ASN B 320 23.91 -4.95 -7.20
C ASN B 320 22.96 -5.16 -8.38
N SER B 321 23.49 -5.13 -9.61
CA SER B 321 22.61 -5.40 -10.74
C SER B 321 22.17 -6.87 -10.75
N ARG B 322 23.01 -7.76 -10.25
CA ARG B 322 22.61 -9.16 -10.20
C ARG B 322 21.63 -9.43 -9.06
N GLY B 323 21.83 -8.80 -7.90
CA GLY B 323 20.88 -8.96 -6.80
C GLY B 323 19.51 -8.40 -7.16
N PHE B 324 19.49 -7.21 -7.79
CA PHE B 324 18.29 -6.66 -8.39
C PHE B 324 17.59 -7.68 -9.28
N THR B 325 18.34 -8.29 -10.22
CA THR B 325 17.77 -9.26 -11.16
C THR B 325 17.25 -10.52 -10.47
N VAL B 326 18.01 -11.02 -9.49
CA VAL B 326 17.62 -12.22 -8.75
C VAL B 326 16.31 -12.01 -8.02
N ASP B 327 16.20 -10.86 -7.33
CA ASP B 327 14.99 -10.54 -6.61
C ASP B 327 13.80 -10.38 -7.55
N PHE B 328 13.97 -9.58 -8.60
CA PHE B 328 12.86 -9.40 -9.54
C PHE B 328 12.36 -10.73 -10.06
N SER B 329 13.28 -11.60 -10.50
CA SER B 329 12.87 -12.87 -11.10
C SER B 329 12.21 -13.78 -10.07
N THR B 330 12.75 -13.81 -8.85
CA THR B 330 12.17 -14.61 -7.79
C THR B 330 10.74 -14.16 -7.50
N ALA B 331 10.55 -12.86 -7.32
CA ALA B 331 9.26 -12.33 -6.91
C ALA B 331 8.23 -12.54 -8.01
N THR B 332 8.63 -12.31 -9.27
CA THR B 332 7.73 -12.57 -10.39
C THR B 332 7.32 -14.03 -10.45
N THR B 333 8.29 -14.95 -10.38
CA THR B 333 7.95 -16.37 -10.39
C THR B 333 6.95 -16.71 -9.28
N VAL B 334 7.21 -16.20 -8.08
CA VAL B 334 6.45 -16.60 -6.91
C VAL B 334 5.04 -16.01 -6.96
N LEU B 335 4.92 -14.76 -7.42
CA LEU B 335 3.61 -14.12 -7.57
C LEU B 335 2.78 -14.82 -8.62
N LEU B 336 3.39 -15.20 -9.76
CA LEU B 336 2.59 -15.87 -10.77
C LEU B 336 2.13 -17.25 -10.26
N ALA B 337 3.03 -17.98 -9.59
CA ALA B 337 2.62 -19.22 -8.93
C ALA B 337 1.44 -18.97 -7.99
N SER B 338 1.50 -17.90 -7.18
CA SER B 338 0.42 -17.59 -6.25
C SER B 338 -0.89 -17.34 -6.99
N SER B 339 -0.83 -16.63 -8.12
CA SER B 339 -2.02 -16.38 -8.92
C SER B 339 -2.59 -17.65 -9.52
N LEU B 340 -1.77 -18.70 -9.64
CA LEU B 340 -2.32 -19.98 -10.04
C LEU B 340 -2.74 -20.84 -8.87
N GLY B 341 -2.49 -20.41 -7.64
CA GLY B 341 -2.80 -21.21 -6.46
C GLY B 341 -1.80 -22.29 -6.15
N LEU B 342 -0.58 -22.22 -6.71
CA LEU B 342 0.43 -23.25 -6.53
C LEU B 342 1.28 -22.95 -5.29
N PRO B 343 1.34 -23.85 -4.32
CA PRO B 343 2.29 -23.69 -3.21
C PRO B 343 3.68 -24.10 -3.68
N ILE B 344 4.60 -23.14 -3.67
CA ILE B 344 5.92 -23.18 -4.29
C ILE B 344 6.94 -22.95 -3.18
N SER B 345 8.17 -23.41 -3.42
CA SER B 345 9.26 -23.10 -2.52
C SER B 345 9.97 -21.83 -3.00
N THR B 346 9.98 -20.79 -2.16
CA THR B 346 10.67 -19.56 -2.52
C THR B 346 12.17 -19.71 -2.34
N THR B 347 12.60 -20.55 -1.37
CA THR B 347 14.01 -20.89 -1.21
C THR B 347 14.61 -21.44 -2.52
N HIS B 348 13.96 -22.47 -3.09
CA HIS B 348 14.49 -23.10 -4.31
C HIS B 348 14.40 -22.16 -5.48
N VAL B 349 13.38 -21.31 -5.52
CA VAL B 349 13.30 -20.33 -6.61
C VAL B 349 14.43 -19.32 -6.50
N VAL B 350 14.78 -18.90 -5.28
CA VAL B 350 15.88 -17.95 -5.16
C VAL B 350 17.17 -18.60 -5.63
N VAL B 351 17.41 -19.83 -5.18
CA VAL B 351 18.58 -20.59 -5.61
C VAL B 351 18.62 -20.66 -7.13
N GLY B 352 17.49 -20.99 -7.76
CA GLY B 352 17.43 -21.00 -9.21
C GLY B 352 17.80 -19.67 -9.83
N ALA B 353 17.24 -18.58 -9.30
CA ALA B 353 17.51 -17.27 -9.88
C ALA B 353 19.00 -16.93 -9.78
N VAL B 354 19.61 -17.25 -8.63
CA VAL B 354 21.04 -17.03 -8.44
C VAL B 354 21.84 -17.81 -9.49
N THR B 355 21.52 -19.10 -9.68
CA THR B 355 22.27 -19.88 -10.65
C THR B 355 22.05 -19.34 -12.06
N GLY B 356 20.89 -18.73 -12.31
CA GLY B 356 20.63 -18.17 -13.62
C GLY B 356 21.41 -16.89 -13.91
N VAL B 357 21.70 -16.08 -12.88
CA VAL B 357 22.51 -14.89 -13.15
C VAL B 357 24.00 -15.17 -13.12
N GLY B 358 24.40 -16.37 -12.74
CA GLY B 358 25.81 -16.59 -12.59
C GLY B 358 26.13 -16.79 -11.12
N PHE B 359 27.03 -17.72 -10.84
CA PHE B 359 27.47 -18.00 -9.49
C PHE B 359 28.99 -17.86 -9.48
N ALA B 360 29.49 -16.89 -8.70
CA ALA B 360 30.94 -16.88 -8.48
C ALA B 360 31.40 -18.24 -7.96
N ARG B 361 30.79 -18.77 -6.90
CA ARG B 361 29.82 -18.13 -5.99
C ARG B 361 30.54 -18.25 -4.67
N GLY B 362 31.86 -18.17 -4.79
CA GLY B 362 32.76 -18.83 -3.87
C GLY B 362 32.78 -20.33 -4.06
N LEU B 363 31.70 -20.91 -4.62
CA LEU B 363 31.54 -22.35 -4.70
C LEU B 363 32.62 -22.98 -5.58
N GLU B 364 33.29 -24.03 -5.10
CA GLU B 364 32.98 -24.86 -3.90
C GLU B 364 32.45 -24.20 -2.62
N MET B 365 33.13 -23.16 -2.10
CA MET B 365 32.66 -22.39 -0.94
C MET B 365 31.28 -21.80 -1.22
N VAL B 366 30.21 -22.24 -0.55
CA VAL B 366 30.14 -22.93 0.75
C VAL B 366 31.06 -24.11 1.11
N ASN B 367 31.39 -24.21 2.39
CA ASN B 367 31.91 -25.45 2.96
C ASN B 367 31.11 -26.61 2.38
N VAL B 368 31.80 -27.53 1.68
CA VAL B 368 31.08 -28.56 0.95
C VAL B 368 30.40 -29.57 1.87
N GLY B 369 30.86 -29.74 3.11
CA GLY B 369 30.10 -30.51 4.07
C GLY B 369 28.73 -29.89 4.35
N VAL B 370 28.70 -28.55 4.40
CA VAL B 370 27.43 -27.83 4.62
C VAL B 370 26.55 -27.92 3.38
N LEU B 371 27.14 -27.81 2.18
CA LEU B 371 26.36 -27.95 0.95
C LEU B 371 25.74 -29.33 0.85
N LYS B 372 26.49 -30.37 1.24
CA LYS B 372 25.95 -31.71 1.25
C LYS B 372 24.81 -31.81 2.27
N ASN B 373 24.98 -31.19 3.45
CA ASN B 373 23.91 -31.15 4.44
C ASN B 373 22.65 -30.51 3.88
N ILE B 374 22.82 -29.41 3.14
CA ILE B 374 21.68 -28.71 2.58
C ILE B 374 20.94 -29.60 1.59
N VAL B 375 21.69 -30.25 0.68
CA VAL B 375 21.07 -31.12 -0.31
C VAL B 375 20.36 -32.29 0.38
N ILE B 376 20.98 -32.86 1.42
CA ILE B 376 20.35 -33.98 2.13
C ILE B 376 19.03 -33.52 2.73
N SER B 377 19.07 -32.41 3.47
CA SER B 377 17.87 -31.90 4.14
C SER B 377 16.77 -31.64 3.13
N TRP B 378 17.12 -31.08 1.97
CA TRP B 378 16.08 -30.83 0.98
C TRP B 378 15.49 -32.12 0.43
N LEU B 379 16.32 -33.13 0.16
CA LEU B 379 15.75 -34.37 -0.38
C LEU B 379 14.93 -35.10 0.67
N LEU B 380 15.27 -34.94 1.95
CA LEU B 380 14.63 -35.71 3.01
C LEU B 380 13.46 -35.01 3.70
N ILE B 381 13.21 -33.73 3.43
CA ILE B 381 12.28 -32.99 4.29
C ILE B 381 10.85 -33.48 4.10
N VAL B 382 10.41 -33.72 2.86
CA VAL B 382 9.04 -34.19 2.63
C VAL B 382 8.77 -35.51 3.35
N PRO B 383 9.60 -36.56 3.19
CA PRO B 383 9.32 -37.80 3.96
C PRO B 383 9.51 -37.65 5.46
N THR B 384 10.52 -36.90 5.91
CA THR B 384 10.70 -36.71 7.35
C THR B 384 9.48 -36.07 7.98
N VAL B 385 8.96 -34.99 7.37
CA VAL B 385 7.80 -34.33 7.95
C VAL B 385 6.56 -35.20 7.82
N ALA B 386 6.41 -35.87 6.67
CA ALA B 386 5.28 -36.79 6.51
C ALA B 386 5.27 -37.84 7.62
N ALA B 387 6.43 -38.43 7.90
CA ALA B 387 6.52 -39.46 8.93
C ALA B 387 6.26 -38.88 10.31
N THR B 388 6.80 -37.69 10.58
CA THR B 388 6.58 -37.05 11.87
C THR B 388 5.11 -36.70 12.07
N SER B 389 4.44 -36.24 11.01
CA SER B 389 3.03 -35.89 11.09
C SER B 389 2.17 -37.13 11.30
N ALA B 390 2.48 -38.21 10.57
CA ALA B 390 1.80 -39.49 10.80
C ALA B 390 1.95 -39.93 12.25
N ALA B 391 3.17 -39.84 12.78
CA ALA B 391 3.41 -40.25 14.17
C ALA B 391 2.62 -39.39 15.14
N VAL B 392 2.64 -38.06 14.96
CA VAL B 392 1.90 -37.19 15.86
C VAL B 392 0.41 -37.49 15.79
N TYR B 393 -0.09 -37.74 14.58
CA TYR B 393 -1.52 -37.96 14.42
C TYR B 393 -1.95 -39.25 15.10
N TRP B 394 -1.19 -40.34 14.89
CA TRP B 394 -1.55 -41.61 15.51
C TRP B 394 -1.41 -41.55 17.03
N VAL B 395 -0.31 -40.96 17.51
CA VAL B 395 -0.13 -40.74 18.94
C VAL B 395 -1.36 -40.00 19.50
N LEU B 396 -1.70 -38.87 18.88
CA LEU B 396 -2.88 -38.10 19.26
C LEU B 396 -4.14 -38.97 19.30
N LYS B 397 -4.39 -39.69 18.21
CA LYS B 397 -5.60 -40.50 18.12
C LYS B 397 -5.70 -41.44 19.32
N LEU B 398 -4.58 -42.01 19.70
CA LEU B 398 -4.53 -42.82 20.87
C LEU B 398 -4.88 -42.00 22.10
N ILE B 399 -4.00 -41.11 22.46
CA ILE B 399 -4.12 -40.38 23.72
C ILE B 399 -5.55 -39.89 23.93
N LEU B 400 -6.20 -39.46 22.85
CA LEU B 400 -7.60 -39.11 22.96
C LEU B 400 -8.43 -40.34 23.34
N LYS B 401 -8.29 -41.42 22.57
CA LYS B 401 -9.12 -42.62 22.77
C LYS B 401 -8.29 -43.86 23.11
P PO4 C . -9.53 22.30 -1.15
O1 PO4 C . -9.22 23.33 -0.13
O2 PO4 C . -10.93 22.38 -1.61
O3 PO4 C . -9.17 20.96 -0.63
O4 PO4 C . -8.83 22.59 -2.38
NA NA D . -5.99 25.40 -1.73
NA NA E . -12.64 18.39 -1.11
NA NA F . 4.51 16.97 7.91
C1 PEG G . -21.56 31.71 -0.89
O1 PEG G . -22.79 31.55 -1.59
C2 PEG G . -21.10 30.33 -0.37
O2 PEG G . -21.13 30.34 1.07
C3 PEG G . -20.07 29.57 1.66
C4 PEG G . -19.95 29.87 3.18
O4 PEG G . -19.11 28.88 3.77
C1 PEG H . -10.92 28.24 12.90
O1 PEG H . -10.59 28.14 11.51
C2 PEG H . -10.85 26.85 13.60
O2 PEG H . -10.29 27.02 14.94
C3 PEG H . -10.96 26.26 15.97
C4 PEG H . -10.02 26.15 17.20
O4 PEG H . -10.58 25.22 18.15
C1 PEG I . 8.12 3.70 9.73
O1 PEG I . 9.52 3.88 9.66
C2 PEG I . 7.55 3.14 8.41
O2 PEG I . 6.10 3.10 8.46
C3 PEG I . 5.53 1.90 7.94
C4 PEG I . 4.16 2.24 7.34
O4 PEG I . 3.54 3.16 8.23
C1 PEG J . 5.30 3.71 -1.51
O1 PEG J . 4.18 4.01 -0.69
C2 PEG J . 5.82 4.99 -2.21
O2 PEG J . 5.79 6.09 -1.29
C3 PEG J . 6.94 6.96 -1.34
C4 PEG J . 7.11 7.51 -2.77
O4 PEG J . 8.25 8.36 -2.81
C1 PEG K . 11.55 10.37 -2.71
O1 PEG K . 10.81 9.52 -3.58
C2 PEG K . 11.31 9.94 -1.25
O2 PEG K . 12.22 10.65 -0.36
C3 PEG K . 12.02 10.37 1.03
C4 PEG K . 13.40 10.33 1.73
O4 PEG K . 13.54 11.45 2.59
C1 PEG L . 16.06 10.81 -2.01
O1 PEG L . 14.97 9.90 -1.92
C2 PEG L . 15.81 11.81 -3.17
O2 PEG L . 15.06 11.15 -4.23
C3 PEG L . 15.06 11.86 -5.48
C4 PEG L . 14.85 13.37 -5.23
O4 PEG L . 14.89 14.02 -6.50
C1 PEG M . -36.90 26.05 -1.87
O1 PEG M . -37.87 25.69 -2.87
C2 PEG M . -35.71 26.75 -2.55
O2 PEG M . -34.64 26.90 -1.59
C3 PEG M . -34.28 28.26 -1.35
C4 PEG M . -32.83 28.51 -1.77
O4 PEG M . -32.10 29.04 -0.67
C1' LMT N . -14.59 -2.20 -5.91
C2' LMT N . -15.15 -1.23 -6.93
C3' LMT N . -16.63 -1.46 -7.17
C4' LMT N . -17.32 -2.00 -5.93
C5' LMT N . -16.61 -3.26 -5.41
C6' LMT N . -17.40 -4.48 -5.79
O1' LMT N . -13.23 -2.51 -6.23
O2' LMT N . -14.94 0.09 -6.50
O3' LMT N . -16.81 -2.33 -8.26
O5' LMT N . -15.30 -3.40 -5.95
O6' LMT N . -18.26 -4.81 -4.72
C1 LMT N . -12.20 -1.85 -5.48
C2 LMT N . -11.81 -0.53 -6.20
C3 LMT N . -10.36 -0.68 -6.70
C4 LMT N . -9.43 -0.50 -5.50
C5 LMT N . -8.01 -0.60 -6.06
C6 LMT N . -7.02 -0.85 -4.92
C7 LMT N . -5.62 -0.41 -5.40
C8 LMT N . -4.57 -1.20 -4.55
C9 LMT N . -3.94 -0.30 -3.46
C10 LMT N . -2.89 -1.11 -2.66
C11 LMT N . -1.53 -0.91 -3.34
C12 LMT N . -0.42 -0.76 -2.31
C1' LMT O . -11.91 -9.24 -0.81
C2' LMT O . -12.33 -10.61 -0.31
C3' LMT O . -13.43 -11.30 -1.10
C4' LMT O . -14.40 -10.32 -1.72
C5' LMT O . -13.63 -9.14 -2.32
C6' LMT O . -14.56 -8.24 -3.08
O1' LMT O . -11.30 -8.55 0.29
O2' LMT O . -11.21 -11.48 -0.33
O3' LMT O . -14.11 -12.14 -0.19
O5' LMT O . -12.98 -8.45 -1.26
O6' LMT O . -15.36 -9.01 -3.97
C1 LMT O . -9.88 -8.76 0.45
C2 LMT O . -9.39 -7.72 1.48
C3 LMT O . -8.12 -7.03 0.91
C4 LMT O . -7.40 -6.42 2.11
C5 LMT O . -6.36 -5.41 1.57
C6 LMT O . -6.16 -4.35 2.67
C7 LMT O . -4.78 -3.71 2.44
C8 LMT O . -4.93 -2.57 1.38
C9 LMT O . -3.51 -2.20 0.89
C10 LMT O . -2.96 -1.02 1.74
C11 LMT O . -1.78 -0.39 0.99
C12 LMT O . -0.98 0.52 1.93
P PO4 P . 9.60 -21.97 1.16
O1 PO4 P . 10.99 -22.13 0.56
O2 PO4 P . 8.71 -23.17 0.90
O3 PO4 P . 8.95 -20.74 0.52
O4 PO4 P . 9.68 -21.84 2.67
NA NA Q . 13.54 -21.38 3.43
NA NA R . 5.07 -21.53 -0.81
NA NA S . 17.58 -6.84 -2.90
C1 PEG T . 1.67 -44.42 6.05
O1 PEG T . 0.86 -45.30 6.84
C2 PEG T . 2.68 -43.67 6.95
O2 PEG T . 3.08 -42.45 6.29
C3 PEG T . 4.40 -41.95 6.55
C4 PEG T . 4.70 -40.85 5.51
O4 PEG T . 5.70 -41.24 4.57
C1 PEG U . 12.44 1.10 1.87
O1 PEG U . 13.05 1.59 3.06
C2 PEG U . 10.90 1.10 2.02
O2 PEG U . 10.29 1.08 0.72
C3 PEG U . 8.93 0.62 0.71
C4 PEG U . 8.27 0.86 -0.66
O4 PEG U . 7.51 -0.28 -1.06
C1 PEG V . 11.02 5.96 -4.98
O1 PEG V . 11.62 7.15 -4.48
C2 PEG V . 9.89 5.54 -4.02
O2 PEG V . 9.68 4.11 -4.12
C3 PEG V . 8.86 3.72 -5.24
C4 PEG V . 7.62 3.01 -4.67
O4 PEG V . 7.13 2.13 -5.67
C1 PEG W . 7.88 -0.18 4.12
O1 PEG W . 6.51 -0.06 3.74
C2 PEG W . 8.03 0.18 5.61
O2 PEG W . 9.39 -0.01 6.08
C3 PEG W . 9.58 0.31 7.47
C4 PEG W . 11.06 0.67 7.74
O4 PEG W . 11.18 1.40 8.96
O1' LMT X . 15.07 -28.85 -5.58
C1 LMT X . 14.47 -29.98 -6.28
C2 LMT X . 13.13 -30.37 -5.60
C3 LMT X . 13.43 -31.01 -4.21
C4 LMT X . 12.31 -32.03 -3.85
C5 LMT X . 11.81 -32.70 -5.16
C6 LMT X . 10.37 -33.23 -5.01
C7 LMT X . 10.29 -34.22 -3.80
C8 LMT X . 9.21 -35.32 -4.13
C9 LMT X . 8.70 -35.94 -2.80
C10 LMT X . 7.43 -36.78 -3.08
C11 LMT X . 7.27 -37.81 -1.95
C12 LMT X . 5.81 -38.25 -1.91
#